data_5QAQ
#
_entry.id   5QAQ
#
_cell.length_a   89.408
_cell.length_b   108.440
_cell.length_c   124.709
_cell.angle_alpha   90.000
_cell.angle_beta   90.000
_cell.angle_gamma   90.000
#
_symmetry.space_group_name_H-M   'P 21 21 21'
#
loop_
_entity.id
_entity.type
_entity.pdbx_description
1 polymer Beta-lactamase
2 non-polymer 'CHLORIDE ION'
3 non-polymer 1,2-ETHANEDIOL
4 non-polymer '3-(4-acetamidophenyl)benzoic acid'
5 water water
#
_entity_poly.entity_id   1
_entity_poly.type   'polypeptide(L)'
_entity_poly.pdbx_seq_one_letter_code
;KEWQENKSWNAHFTEHKSQGVVVLWNENKQQGFTNNLKRANQAFLPASTF(KCX)IPNSLIALDLGVVKDEHQVFKWDGQ
TRDIATWNRDHNLITAMKYSVVPVYQEFARQIGEARMSKMLHAFDYGNEDISGNVDSFWLDGGIRISATEQISFLRKLYH
NKLHVSERSQRIVKQAMLTEANGDYIIRAKTGYSTRIEPKIGWWVGWVELDDNVWFFAMNMDMPTSDGLGLRQAITKEVL
KQEKIIP
;
_entity_poly.pdbx_strand_id   A,B,C,D
#
loop_
_chem_comp.id
_chem_comp.type
_chem_comp.name
_chem_comp.formula
CL non-polymer 'CHLORIDE ION' 'Cl -1'
EDO non-polymer 1,2-ETHANEDIOL 'C2 H6 O2'
S1C non-polymer '3-(4-acetamidophenyl)benzoic acid' 'C15 H13 N O3'
#
# COMPACT_ATOMS: atom_id res chain seq x y z
N GLU A 2 29.77 -12.86 -42.68
CA GLU A 2 30.89 -13.38 -41.91
C GLU A 2 30.73 -13.02 -40.43
N TRP A 3 31.17 -13.92 -39.56
CA TRP A 3 31.12 -13.74 -38.11
C TRP A 3 32.50 -13.94 -37.51
N GLN A 4 32.71 -13.36 -36.33
CA GLN A 4 33.97 -13.48 -35.62
C GLN A 4 33.70 -13.57 -34.12
N GLU A 5 34.36 -14.50 -33.46
CA GLU A 5 34.20 -14.72 -32.02
C GLU A 5 35.36 -14.06 -31.28
N ASN A 6 35.03 -13.21 -30.30
CA ASN A 6 36.00 -12.45 -29.53
C ASN A 6 35.74 -12.76 -28.05
N LYS A 7 36.37 -13.83 -27.54
CA LYS A 7 36.13 -14.18 -26.14
C LYS A 7 36.77 -13.22 -25.15
N SER A 8 37.53 -12.22 -25.60
CA SER A 8 38.06 -11.24 -24.67
C SER A 8 36.93 -10.47 -23.97
N TRP A 9 35.77 -10.35 -24.63
CA TRP A 9 34.63 -9.69 -24.01
C TRP A 9 34.08 -10.47 -22.83
N ASN A 10 34.35 -11.78 -22.73
CA ASN A 10 33.88 -12.55 -21.59
C ASN A 10 34.29 -11.90 -20.28
N ALA A 11 35.41 -11.17 -20.29
CA ALA A 11 35.86 -10.48 -19.08
C ALA A 11 34.81 -9.52 -18.55
N HIS A 12 34.08 -8.84 -19.44
CA HIS A 12 33.08 -7.89 -18.98
C HIS A 12 31.96 -8.57 -18.20
N PHE A 13 31.63 -9.81 -18.56
CA PHE A 13 30.65 -10.56 -17.77
C PHE A 13 31.29 -11.15 -16.53
N THR A 14 32.54 -11.61 -16.66
CA THR A 14 33.23 -12.26 -15.55
C THR A 14 33.57 -11.27 -14.44
N GLU A 15 33.96 -10.05 -14.79
CA GLU A 15 34.27 -9.05 -13.78
C GLU A 15 33.04 -8.66 -12.96
N HIS A 16 31.84 -8.96 -13.44
CA HIS A 16 30.60 -8.67 -12.72
C HIS A 16 29.89 -9.96 -12.33
N LYS A 17 30.68 -11.03 -12.16
CA LYS A 17 30.24 -12.30 -11.61
C LYS A 17 28.99 -12.84 -12.30
N SER A 18 28.88 -12.63 -13.61
CA SER A 18 27.72 -13.08 -14.37
C SER A 18 28.19 -13.66 -15.70
N GLN A 19 27.22 -14.13 -16.48
CA GLN A 19 27.47 -14.78 -17.76
C GLN A 19 26.44 -14.28 -18.77
N GLY A 20 26.87 -14.12 -20.01
CA GLY A 20 25.96 -13.69 -21.05
C GLY A 20 26.66 -13.56 -22.38
N VAL A 21 25.95 -12.95 -23.33
CA VAL A 21 26.46 -12.78 -24.68
C VAL A 21 26.19 -11.36 -25.12
N VAL A 22 27.12 -10.79 -25.89
CA VAL A 22 26.91 -9.55 -26.64
C VAL A 22 27.13 -9.88 -28.11
N VAL A 23 26.20 -9.44 -28.95
CA VAL A 23 26.31 -9.61 -30.39
C VAL A 23 26.26 -8.23 -31.03
N LEU A 24 27.27 -7.92 -31.83
CA LEU A 24 27.35 -6.67 -32.56
C LEU A 24 27.31 -6.94 -34.06
N TRP A 25 26.72 -6.01 -34.79
CA TRP A 25 26.64 -6.12 -36.25
C TRP A 25 27.00 -4.79 -36.86
N ASN A 26 28.07 -4.77 -37.65
CA ASN A 26 28.50 -3.58 -38.38
C ASN A 26 27.74 -3.54 -39.71
N GLU A 27 26.84 -2.57 -39.85
CA GLU A 27 25.98 -2.53 -41.03
C GLU A 27 26.77 -2.20 -42.29
N ASN A 28 27.70 -1.25 -42.21
CA ASN A 28 28.48 -0.88 -43.39
C ASN A 28 29.28 -2.07 -43.91
N LYS A 29 29.98 -2.78 -43.03
CA LYS A 29 30.86 -3.88 -43.45
C LYS A 29 30.17 -5.24 -43.50
N GLN A 30 28.96 -5.36 -42.95
CA GLN A 30 28.22 -6.63 -42.94
C GLN A 30 29.04 -7.72 -42.23
N GLN A 31 29.53 -7.39 -41.04
CA GLN A 31 30.31 -8.28 -40.20
C GLN A 31 29.67 -8.35 -38.82
N GLY A 32 29.60 -9.55 -38.26
CA GLY A 32 29.08 -9.73 -36.93
C GLY A 32 30.19 -10.03 -35.94
N PHE A 33 29.96 -9.76 -34.66
CA PHE A 33 30.96 -9.99 -33.63
C PHE A 33 30.24 -10.40 -32.36
N THR A 34 30.79 -11.40 -31.67
CA THR A 34 30.18 -11.85 -30.42
C THR A 34 31.26 -12.52 -29.58
N ASN A 35 30.99 -12.61 -28.27
CA ASN A 35 31.88 -13.30 -27.36
C ASN A 35 31.60 -14.80 -27.29
N ASN A 36 30.47 -15.25 -27.84
CA ASN A 36 29.99 -16.61 -27.57
C ASN A 36 29.01 -16.98 -28.70
N LEU A 37 29.55 -17.64 -29.73
CA LEU A 37 28.73 -18.01 -30.88
C LEU A 37 27.58 -18.92 -30.50
N LYS A 38 27.77 -19.79 -29.51
CA LYS A 38 26.70 -20.70 -29.12
C LYS A 38 25.56 -19.95 -28.44
N ARG A 39 25.86 -19.20 -27.39
CA ARG A 39 24.80 -18.48 -26.69
C ARG A 39 24.16 -17.42 -27.59
N ALA A 40 24.91 -16.85 -28.52
CA ALA A 40 24.34 -15.90 -29.47
C ALA A 40 23.19 -16.51 -30.26
N ASN A 41 23.18 -17.83 -30.43
CA ASN A 41 22.13 -18.52 -31.16
C ASN A 41 21.19 -19.32 -30.25
N GLN A 42 21.38 -19.25 -28.94
CA GLN A 42 20.46 -19.89 -27.99
C GLN A 42 19.23 -19.01 -27.81
N ALA A 43 18.05 -19.64 -27.90
CA ALA A 43 16.79 -18.92 -27.90
C ALA A 43 16.21 -18.80 -26.50
N PHE A 44 15.79 -17.58 -26.13
CA PHE A 44 15.18 -17.30 -24.84
C PHE A 44 13.83 -16.63 -25.05
N LEU A 45 13.06 -16.54 -23.98
CA LEU A 45 11.88 -15.70 -23.99
C LEU A 45 12.27 -14.25 -24.29
N PRO A 46 11.52 -13.56 -25.15
CA PRO A 46 11.86 -12.16 -25.44
C PRO A 46 11.50 -11.19 -24.33
N ALA A 47 10.50 -11.56 -23.51
CA ALA A 47 10.00 -10.71 -22.42
C ALA A 47 9.75 -9.31 -22.99
N SER A 48 10.18 -8.24 -22.31
CA SER A 48 9.78 -6.90 -22.71
C SER A 48 10.43 -6.42 -24.00
N THR A 49 11.42 -7.13 -24.55
CA THR A 49 11.88 -6.79 -25.89
C THR A 49 10.79 -7.07 -26.91
N PHE A 50 9.76 -7.83 -26.54
CA PHE A 50 8.66 -8.13 -27.45
C PHE A 50 7.77 -6.92 -27.66
N KCX A 51 7.99 -5.88 -26.87
CA KCX A 51 7.19 -4.67 -26.99
CB KCX A 51 7.46 -3.76 -25.79
CG KCX A 51 6.84 -4.29 -24.50
CD KCX A 51 7.11 -3.39 -23.31
CE KCX A 51 6.34 -3.85 -22.08
NZ KCX A 51 6.83 -5.14 -21.53
C KCX A 51 7.47 -3.94 -28.30
O KCX A 51 6.68 -3.10 -28.72
CX KCX A 51 6.19 -6.30 -21.73
OQ1 KCX A 51 6.65 -7.34 -21.23
OQ2 KCX A 51 5.16 -6.34 -22.41
H KCX A 51 8.60 -5.85 -26.26
HA KCX A 51 6.37 -4.88 -26.97
HB2 KCX A 51 7.13 -2.99 -25.94
HG2 KCX A 51 6.00 -4.34 -24.61
HD2 KCX A 51 7.94 -3.42 -23.12
HE2 KCX A 51 5.52 -3.95 -22.30
N ILE A 52 8.58 -4.28 -28.96
CA ILE A 52 8.87 -3.71 -30.27
C ILE A 52 7.89 -4.26 -31.32
N PRO A 53 7.89 -5.59 -31.54
CA PRO A 53 6.92 -6.14 -32.50
C PRO A 53 5.48 -5.91 -32.07
N ASN A 54 5.18 -6.03 -30.77
CA ASN A 54 3.83 -5.77 -30.29
C ASN A 54 3.39 -4.36 -30.64
N SER A 55 4.25 -3.37 -30.39
CA SER A 55 3.93 -2.00 -30.77
C SER A 55 3.68 -1.89 -32.27
N LEU A 56 4.58 -2.45 -33.07
CA LEU A 56 4.44 -2.40 -34.52
C LEU A 56 3.08 -2.93 -34.96
N ILE A 57 2.68 -4.08 -34.40
CA ILE A 57 1.44 -4.71 -34.82
C ILE A 57 0.24 -3.90 -34.36
N ALA A 58 0.27 -3.44 -33.10
CA ALA A 58 -0.83 -2.63 -32.60
C ALA A 58 -1.02 -1.38 -33.44
N LEU A 59 0.06 -0.73 -33.83
CA LEU A 59 -0.05 0.48 -34.66
C LEU A 59 -0.60 0.16 -36.04
N ASP A 60 -0.10 -0.90 -36.68
CA ASP A 60 -0.50 -1.19 -38.04
C ASP A 60 -1.93 -1.69 -38.14
N LEU A 61 -2.47 -2.26 -37.06
CA LEU A 61 -3.85 -2.73 -37.03
C LEU A 61 -4.83 -1.67 -36.54
N GLY A 62 -4.34 -0.50 -36.13
CA GLY A 62 -5.21 0.53 -35.61
C GLY A 62 -5.59 0.35 -34.17
N VAL A 63 -5.06 -0.68 -33.50
CA VAL A 63 -5.26 -0.82 -32.07
C VAL A 63 -4.72 0.41 -31.35
N VAL A 64 -3.59 0.92 -31.81
CA VAL A 64 -3.03 2.17 -31.32
C VAL A 64 -3.09 3.18 -32.46
N LYS A 65 -3.65 4.35 -32.17
CA LYS A 65 -3.82 5.39 -33.19
C LYS A 65 -2.51 6.08 -33.51
N ASP A 66 -1.76 6.46 -32.49
CA ASP A 66 -0.46 7.10 -32.65
C ASP A 66 0.24 7.08 -31.30
N GLU A 67 1.42 7.72 -31.25
CA GLU A 67 2.23 7.73 -30.05
C GLU A 67 1.70 8.68 -28.98
N HIS A 68 0.62 9.41 -29.28
CA HIS A 68 -0.01 10.30 -28.32
C HIS A 68 -1.23 9.69 -27.65
N GLN A 69 -1.84 8.67 -28.27
CA GLN A 69 -3.01 8.06 -27.67
C GLN A 69 -2.71 7.61 -26.25
N VAL A 70 -3.62 7.93 -25.34
CA VAL A 70 -3.43 7.71 -23.92
C VAL A 70 -4.13 6.42 -23.53
N PHE A 71 -3.43 5.57 -22.79
CA PHE A 71 -3.99 4.33 -22.27
C PHE A 71 -4.15 4.52 -20.78
N LYS A 72 -5.38 4.75 -20.34
CA LYS A 72 -5.60 5.08 -18.95
C LYS A 72 -5.30 3.88 -18.06
N TRP A 73 -4.64 4.16 -16.94
CA TRP A 73 -4.48 3.19 -15.85
C TRP A 73 -5.82 2.58 -15.47
N ASP A 74 -5.83 1.27 -15.30
CA ASP A 74 -7.05 0.54 -14.95
C ASP A 74 -7.40 0.63 -13.47
N GLY A 75 -6.65 1.40 -12.68
CA GLY A 75 -6.97 1.56 -11.28
C GLY A 75 -6.47 0.46 -10.38
N GLN A 76 -5.83 -0.57 -10.93
CA GLN A 76 -5.28 -1.66 -10.13
C GLN A 76 -3.86 -1.30 -9.73
N THR A 77 -3.63 -1.17 -8.42
CA THR A 77 -2.31 -0.85 -7.91
C THR A 77 -1.37 -2.03 -8.13
N ARG A 78 -0.27 -1.78 -8.83
CA ARG A 78 0.75 -2.79 -9.05
C ARG A 78 2.05 -2.37 -8.37
N ASP A 79 2.98 -3.32 -8.25
CA ASP A 79 4.18 -3.09 -7.47
C ASP A 79 5.15 -2.12 -8.14
N ILE A 80 5.00 -1.84 -9.43
CA ILE A 80 5.86 -0.90 -10.14
C ILE A 80 5.14 0.44 -10.17
N ALA A 81 5.62 1.39 -9.37
CA ALA A 81 4.94 2.66 -9.22
C ALA A 81 4.66 3.36 -10.55
N THR A 82 5.53 3.17 -11.54
CA THR A 82 5.37 3.93 -12.77
C THR A 82 4.30 3.31 -13.66
N TRP A 83 3.89 2.08 -13.36
CA TRP A 83 2.76 1.45 -14.04
C TRP A 83 1.42 1.98 -13.54
N ASN A 84 1.38 2.59 -12.36
CA ASN A 84 0.11 3.05 -11.78
C ASN A 84 -0.16 4.49 -12.22
N ARG A 85 -0.28 4.65 -13.53
CA ARG A 85 -0.52 5.97 -14.10
C ARG A 85 -0.86 5.79 -15.57
N ASP A 86 -1.31 6.88 -16.19
CA ASP A 86 -1.61 6.87 -17.62
C ASP A 86 -0.31 6.81 -18.43
N HIS A 87 -0.42 6.25 -19.63
CA HIS A 87 0.73 6.08 -20.49
C HIS A 87 0.32 6.28 -21.93
N ASN A 88 1.28 6.68 -22.74
CA ASN A 88 1.19 6.59 -24.18
C ASN A 88 2.26 5.61 -24.65
N LEU A 89 2.34 5.42 -25.96
CA LEU A 89 3.30 4.46 -26.50
C LEU A 89 4.71 4.77 -26.03
N ILE A 90 5.08 6.06 -26.00
CA ILE A 90 6.43 6.44 -25.60
C ILE A 90 6.71 6.03 -24.17
N THR A 91 5.85 6.46 -23.23
CA THR A 91 6.10 6.15 -21.83
C THR A 91 5.87 4.67 -21.54
N ALA A 92 4.93 4.03 -22.23
CA ALA A 92 4.71 2.60 -22.02
C ALA A 92 5.97 1.81 -22.37
N MET A 93 6.70 2.24 -23.41
CA MET A 93 7.96 1.60 -23.74
C MET A 93 9.06 1.98 -22.74
N LYS A 94 9.13 3.26 -22.39
CA LYS A 94 10.17 3.73 -21.47
C LYS A 94 10.10 2.98 -20.15
N TYR A 95 8.91 2.83 -19.59
CA TYR A 95 8.73 2.17 -18.31
C TYR A 95 8.30 0.72 -18.46
N SER A 96 8.33 0.18 -19.68
CA SER A 96 8.10 -1.24 -19.93
C SER A 96 6.84 -1.71 -19.22
N VAL A 97 5.73 -1.07 -19.58
CA VAL A 97 4.47 -1.19 -18.83
C VAL A 97 3.74 -2.41 -19.37
N VAL A 98 3.97 -3.56 -18.71
CA VAL A 98 3.37 -4.82 -19.16
C VAL A 98 1.86 -4.72 -19.31
N PRO A 99 1.10 -4.19 -18.33
CA PRO A 99 -0.37 -4.22 -18.47
C PRO A 99 -0.88 -3.55 -19.72
N VAL A 100 -0.23 -2.46 -20.17
CA VAL A 100 -0.64 -1.80 -21.40
C VAL A 100 -0.47 -2.73 -22.60
N TYR A 101 0.67 -3.41 -22.68
CA TYR A 101 0.94 -4.28 -23.82
C TYR A 101 0.14 -5.57 -23.76
N GLN A 102 -0.19 -6.04 -22.56
CA GLN A 102 -1.12 -7.17 -22.48
C GLN A 102 -2.45 -6.82 -23.14
N GLU A 103 -2.94 -5.60 -22.92
CA GLU A 103 -4.20 -5.19 -23.54
C GLU A 103 -4.06 -5.05 -25.05
N PHE A 104 -2.92 -4.53 -25.54
CA PHE A 104 -2.68 -4.55 -26.97
C PHE A 104 -2.86 -5.94 -27.53
N ALA A 105 -2.19 -6.92 -26.92
CA ALA A 105 -2.20 -8.28 -27.46
C ALA A 105 -3.61 -8.87 -27.46
N ARG A 106 -4.39 -8.62 -26.40
CA ARG A 106 -5.75 -9.13 -26.35
C ARG A 106 -6.58 -8.55 -27.49
N GLN A 107 -6.38 -7.26 -27.79
CA GLN A 107 -7.12 -6.65 -28.90
C GLN A 107 -6.56 -7.08 -30.25
N ILE A 108 -5.26 -7.32 -30.34
CA ILE A 108 -4.69 -7.88 -31.57
C ILE A 108 -5.28 -9.25 -31.84
N GLY A 109 -5.28 -10.12 -30.84
CA GLY A 109 -5.85 -11.44 -30.97
C GLY A 109 -4.84 -12.48 -31.45
N GLU A 110 -5.12 -13.73 -31.12
CA GLU A 110 -4.23 -14.84 -31.46
C GLU A 110 -3.94 -14.88 -32.95
N ALA A 111 -5.00 -14.86 -33.78
CA ALA A 111 -4.83 -15.09 -35.21
C ALA A 111 -3.91 -14.03 -35.82
N ARG A 112 -4.23 -12.75 -35.63
CA ARG A 112 -3.44 -11.70 -36.25
C ARG A 112 -2.04 -11.61 -35.66
N MET A 113 -1.89 -11.88 -34.36
CA MET A 113 -0.57 -11.88 -33.76
C MET A 113 0.31 -12.96 -34.38
N SER A 114 -0.23 -14.17 -34.51
CA SER A 114 0.53 -15.27 -35.11
C SER A 114 0.92 -14.92 -36.54
N LYS A 115 -0.04 -14.46 -37.35
CA LYS A 115 0.25 -14.09 -38.73
C LYS A 115 1.35 -13.03 -38.79
N MET A 116 1.26 -12.00 -37.94
CA MET A 116 2.22 -10.91 -38.02
C MET A 116 3.62 -11.36 -37.62
N LEU A 117 3.73 -12.21 -36.61
CA LEU A 117 5.05 -12.68 -36.21
C LEU A 117 5.69 -13.56 -37.29
N HIS A 118 4.88 -14.34 -38.01
CA HIS A 118 5.44 -15.06 -39.15
C HIS A 118 5.90 -14.08 -40.23
N ALA A 119 5.10 -13.05 -40.51
CA ALA A 119 5.48 -12.05 -41.49
C ALA A 119 6.77 -11.34 -41.08
N PHE A 120 6.97 -11.15 -39.77
CA PHE A 120 8.20 -10.55 -39.28
C PHE A 120 9.36 -11.54 -39.21
N ASP A 121 9.11 -12.82 -39.43
CA ASP A 121 10.14 -13.85 -39.28
C ASP A 121 10.75 -13.77 -37.87
N TYR A 122 9.88 -13.54 -36.88
CA TYR A 122 10.33 -13.17 -35.53
C TYR A 122 10.50 -14.42 -34.69
N GLY A 123 11.75 -14.75 -34.38
CA GLY A 123 12.04 -15.88 -33.52
C GLY A 123 11.43 -17.16 -34.05
N ASN A 124 10.95 -18.01 -33.14
CA ASN A 124 10.30 -19.24 -33.54
C ASN A 124 8.84 -19.03 -33.94
N GLU A 125 8.36 -17.78 -33.92
CA GLU A 125 7.05 -17.41 -34.44
C GLU A 125 5.92 -18.11 -33.71
N ASP A 126 6.17 -18.58 -32.48
CA ASP A 126 5.24 -19.43 -31.76
C ASP A 126 4.62 -18.62 -30.61
N ILE A 127 3.33 -18.36 -30.69
CA ILE A 127 2.62 -17.61 -29.66
C ILE A 127 1.90 -18.55 -28.70
N SER A 128 2.28 -19.83 -28.69
CA SER A 128 1.60 -20.79 -27.82
C SER A 128 1.62 -20.29 -26.38
N GLY A 129 0.47 -20.43 -25.71
CA GLY A 129 0.30 -19.91 -24.37
C GLY A 129 -0.86 -18.95 -24.35
N ASN A 130 -0.95 -18.14 -23.30
CA ASN A 130 -2.01 -17.15 -23.21
C ASN A 130 -1.66 -15.94 -24.09
N VAL A 131 -2.64 -15.48 -24.86
CA VAL A 131 -2.41 -14.38 -25.78
C VAL A 131 -1.92 -13.13 -25.06
N ASP A 132 -2.20 -12.97 -23.77
CA ASP A 132 -1.81 -11.77 -23.04
C ASP A 132 -0.59 -11.99 -22.15
N SER A 133 0.17 -13.07 -22.36
CA SER A 133 1.38 -13.27 -21.58
C SER A 133 2.38 -14.20 -22.23
N PHE A 134 2.16 -14.59 -23.49
CA PHE A 134 3.00 -15.63 -24.09
C PHE A 134 4.46 -15.21 -24.19
N TRP A 135 4.71 -13.91 -24.32
CA TRP A 135 6.09 -13.42 -24.35
C TRP A 135 6.73 -13.39 -22.97
N LEU A 136 5.97 -13.70 -21.92
CA LEU A 136 6.50 -13.73 -20.55
C LEU A 136 6.65 -15.14 -20.02
N ASP A 137 5.73 -16.04 -20.39
CA ASP A 137 5.79 -17.42 -19.92
C ASP A 137 5.19 -18.40 -20.93
N GLY A 138 5.09 -18.03 -22.20
CA GLY A 138 4.59 -18.90 -23.24
C GLY A 138 5.71 -19.56 -24.01
N GLY A 139 5.41 -19.92 -25.26
CA GLY A 139 6.31 -20.71 -26.06
C GLY A 139 7.19 -19.93 -27.01
N ILE A 140 7.07 -18.61 -27.07
CA ILE A 140 7.83 -17.84 -28.04
C ILE A 140 9.28 -17.73 -27.58
N ARG A 141 10.20 -17.83 -28.54
CA ARG A 141 11.62 -17.82 -28.26
C ARG A 141 12.33 -17.03 -29.36
N ILE A 142 13.43 -16.37 -28.99
CA ILE A 142 14.23 -15.62 -29.95
C ILE A 142 15.67 -15.58 -29.43
N SER A 143 16.62 -15.68 -30.35
CA SER A 143 18.04 -15.59 -30.02
C SER A 143 18.55 -14.17 -30.25
N ALA A 144 19.74 -13.90 -29.71
CA ALA A 144 20.35 -12.59 -29.91
C ALA A 144 20.61 -12.30 -31.38
N THR A 145 21.11 -13.29 -32.12
CA THR A 145 21.31 -13.07 -33.55
C THR A 145 19.97 -12.90 -34.28
N GLU A 146 18.91 -13.58 -33.80
CA GLU A 146 17.60 -13.38 -34.40
C GLU A 146 17.04 -11.99 -34.10
N GLN A 147 17.38 -11.42 -32.94
CA GLN A 147 17.00 -10.04 -32.65
C GLN A 147 17.64 -9.09 -33.65
N ILE A 148 18.93 -9.29 -33.95
CA ILE A 148 19.63 -8.46 -34.93
C ILE A 148 18.88 -8.43 -36.25
N SER A 149 18.60 -9.62 -36.81
CA SER A 149 17.94 -9.69 -38.10
C SER A 149 16.63 -8.91 -38.08
N PHE A 150 15.84 -9.08 -37.02
CA PHE A 150 14.59 -8.36 -36.91
C PHE A 150 14.82 -6.86 -36.84
N LEU A 151 15.77 -6.42 -36.01
CA LEU A 151 16.03 -4.99 -35.84
C LEU A 151 16.58 -4.37 -37.12
N ARG A 152 17.39 -5.10 -37.88
CA ARG A 152 17.92 -4.56 -39.13
C ARG A 152 16.80 -4.31 -40.12
N LYS A 153 15.82 -5.22 -40.18
CA LYS A 153 14.66 -5.00 -41.04
C LYS A 153 13.91 -3.76 -40.61
N LEU A 154 13.74 -3.59 -39.28
CA LEU A 154 13.07 -2.42 -38.76
C LEU A 154 13.80 -1.14 -39.14
N TYR A 155 15.12 -1.12 -38.93
CA TYR A 155 15.90 0.07 -39.26
C TYR A 155 15.65 0.50 -40.71
N HIS A 156 15.61 -0.46 -41.63
CA HIS A 156 15.46 -0.20 -43.05
C HIS A 156 13.99 -0.15 -43.49
N ASN A 157 13.05 -0.14 -42.55
CA ASN A 157 11.63 -0.09 -42.88
C ASN A 157 11.21 -1.24 -43.78
N LYS A 158 11.85 -2.41 -43.61
CA LYS A 158 11.59 -3.55 -44.46
C LYS A 158 10.60 -4.55 -43.88
N LEU A 159 10.17 -4.35 -42.62
CA LEU A 159 9.14 -5.21 -42.05
C LEU A 159 7.82 -5.02 -42.80
N HIS A 160 6.96 -6.03 -42.72
CA HIS A 160 5.70 -6.02 -43.46
C HIS A 160 4.61 -5.29 -42.68
N VAL A 161 4.94 -4.05 -42.32
CA VAL A 161 3.99 -3.06 -41.84
C VAL A 161 4.32 -1.74 -42.52
N SER A 162 3.47 -0.74 -42.31
CA SER A 162 3.67 0.54 -42.98
C SER A 162 4.96 1.20 -42.51
N GLU A 163 5.48 2.10 -43.34
CA GLU A 163 6.62 2.92 -42.92
C GLU A 163 6.29 3.70 -41.66
N ARG A 164 5.08 4.27 -41.60
CA ARG A 164 4.68 5.06 -40.44
C ARG A 164 4.80 4.26 -39.15
N SER A 165 4.25 3.04 -39.14
CA SER A 165 4.30 2.22 -37.93
C SER A 165 5.74 1.99 -37.49
N GLN A 166 6.63 1.70 -38.43
CA GLN A 166 8.03 1.46 -38.09
C GLN A 166 8.71 2.74 -37.60
N ARG A 167 8.40 3.88 -38.23
CA ARG A 167 8.97 5.15 -37.77
C ARG A 167 8.53 5.46 -36.35
N ILE A 168 7.25 5.21 -36.04
CA ILE A 168 6.75 5.51 -34.70
C ILE A 168 7.43 4.64 -33.67
N VAL A 169 7.57 3.34 -33.95
CA VAL A 169 8.20 2.44 -32.98
C VAL A 169 9.67 2.84 -32.78
N LYS A 170 10.36 3.21 -33.86
CA LYS A 170 11.75 3.62 -33.70
C LYS A 170 11.87 4.89 -32.87
N GLN A 171 10.90 5.79 -32.97
CA GLN A 171 10.86 6.93 -32.07
C GLN A 171 10.68 6.48 -30.62
N ALA A 172 9.74 5.58 -30.39
CA ALA A 172 9.49 5.08 -29.04
C ALA A 172 10.68 4.33 -28.47
N MET A 173 11.56 3.82 -29.34
CA MET A 173 12.76 3.11 -28.88
C MET A 173 13.87 4.05 -28.45
N LEU A 174 13.72 5.35 -28.68
CA LEU A 174 14.80 6.30 -28.38
C LEU A 174 15.16 6.20 -26.90
N THR A 175 16.43 5.92 -26.64
CA THR A 175 16.95 5.73 -25.29
C THR A 175 17.96 6.79 -24.89
N GLU A 176 18.87 7.14 -25.79
CA GLU A 176 19.95 8.07 -25.47
C GLU A 176 20.37 8.78 -26.74
N ALA A 177 20.64 10.07 -26.64
CA ALA A 177 21.15 10.84 -27.76
C ALA A 177 22.06 11.94 -27.24
N ASN A 178 23.19 12.13 -27.91
CA ASN A 178 24.12 13.20 -27.62
C ASN A 178 24.86 13.53 -28.91
N GLY A 179 25.89 14.38 -28.80
CA GLY A 179 26.63 14.80 -29.97
C GLY A 179 27.39 13.70 -30.67
N ASP A 180 27.58 12.56 -30.01
CA ASP A 180 28.41 11.49 -30.56
C ASP A 180 27.63 10.30 -31.10
N TYR A 181 26.48 9.97 -30.53
CA TYR A 181 25.74 8.81 -31.00
C TYR A 181 24.29 8.89 -30.53
N ILE A 182 23.45 8.09 -31.18
CA ILE A 182 22.07 7.87 -30.79
C ILE A 182 21.89 6.39 -30.53
N ILE A 183 21.25 6.04 -29.41
CA ILE A 183 20.87 4.66 -29.13
C ILE A 183 19.36 4.57 -29.13
N ARG A 184 18.84 3.67 -29.97
CA ARG A 184 17.45 3.24 -29.91
C ARG A 184 17.45 1.76 -29.53
N ALA A 185 16.74 1.42 -28.47
CA ALA A 185 16.89 0.11 -27.88
C ALA A 185 15.71 -0.20 -26.97
N LYS A 186 15.63 -1.46 -26.55
CA LYS A 186 14.61 -1.90 -25.61
C LYS A 186 15.20 -2.95 -24.70
N THR A 187 14.94 -2.81 -23.40
CA THR A 187 15.38 -3.77 -22.40
C THR A 187 14.38 -4.91 -22.26
N GLY A 188 14.85 -5.99 -21.68
CA GLY A 188 14.00 -7.12 -21.37
C GLY A 188 14.44 -7.77 -20.09
N TYR A 189 13.47 -8.32 -19.37
CA TYR A 189 13.72 -8.98 -18.08
C TYR A 189 12.80 -10.19 -18.00
N SER A 190 13.36 -11.38 -18.13
CA SER A 190 12.61 -12.63 -18.16
C SER A 190 12.86 -13.42 -16.88
N THR A 191 11.80 -13.65 -16.10
CA THR A 191 11.90 -14.34 -14.82
C THR A 191 11.01 -15.57 -14.67
N ARG A 192 9.98 -15.72 -15.49
CA ARG A 192 8.99 -16.77 -15.27
C ARG A 192 9.50 -18.15 -15.67
N ILE A 193 10.48 -18.22 -16.56
CA ILE A 193 11.02 -19.48 -17.06
C ILE A 193 12.54 -19.43 -16.94
N GLU A 194 13.14 -20.49 -16.41
CA GLU A 194 14.58 -20.56 -16.28
C GLU A 194 15.24 -20.75 -17.65
N PRO A 195 16.44 -20.20 -17.86
CA PRO A 195 17.16 -19.33 -16.92
C PRO A 195 16.64 -17.91 -16.93
N LYS A 196 16.66 -17.24 -15.78
CA LYS A 196 16.25 -15.85 -15.70
C LYS A 196 17.32 -14.98 -16.35
N ILE A 197 16.90 -14.11 -17.28
CA ILE A 197 17.85 -13.32 -18.07
C ILE A 197 17.38 -11.88 -18.20
N GLY A 198 18.34 -11.01 -18.49
CA GLY A 198 18.07 -9.65 -18.94
C GLY A 198 18.47 -9.52 -20.39
N TRP A 199 17.71 -8.72 -21.13
CA TRP A 199 18.00 -8.39 -22.52
C TRP A 199 18.35 -6.92 -22.64
N TRP A 200 19.13 -6.61 -23.69
CA TRP A 200 19.16 -5.26 -24.22
C TRP A 200 19.45 -5.39 -25.71
N VAL A 201 18.54 -4.90 -26.54
CA VAL A 201 18.67 -5.01 -27.99
C VAL A 201 18.36 -3.65 -28.60
N GLY A 202 19.05 -3.35 -29.69
CA GLY A 202 18.83 -2.09 -30.39
C GLY A 202 20.00 -1.80 -31.33
N TRP A 203 20.30 -0.52 -31.48
CA TRP A 203 21.41 -0.13 -32.35
C TRP A 203 21.94 1.24 -31.93
N VAL A 204 23.16 1.49 -32.38
CA VAL A 204 23.87 2.75 -32.16
C VAL A 204 24.00 3.44 -33.52
N GLU A 205 23.39 4.61 -33.65
CA GLU A 205 23.50 5.39 -34.87
C GLU A 205 24.69 6.32 -34.77
N LEU A 206 25.57 6.24 -35.76
CA LEU A 206 26.71 7.14 -35.90
C LEU A 206 26.54 7.97 -37.16
N ASP A 207 27.43 8.95 -37.33
CA ASP A 207 27.35 9.84 -38.49
C ASP A 207 27.27 9.03 -39.78
N ASP A 208 28.16 8.03 -39.94
CA ASP A 208 28.28 7.31 -41.20
C ASP A 208 28.18 5.79 -41.03
N ASN A 209 27.63 5.30 -39.93
CA ASN A 209 27.43 3.87 -39.78
C ASN A 209 26.40 3.61 -38.69
N VAL A 210 25.95 2.36 -38.62
CA VAL A 210 25.05 1.90 -37.58
C VAL A 210 25.56 0.56 -37.06
N TRP A 211 25.65 0.44 -35.74
CA TRP A 211 26.02 -0.80 -35.07
C TRP A 211 24.80 -1.35 -34.35
N PHE A 212 24.26 -2.44 -34.88
CA PHE A 212 23.21 -3.17 -34.19
C PHE A 212 23.82 -4.01 -33.07
N PHE A 213 23.07 -4.13 -31.97
CA PHE A 213 23.54 -4.91 -30.84
C PHE A 213 22.39 -5.68 -30.24
N ALA A 214 22.72 -6.82 -29.64
CA ALA A 214 21.76 -7.62 -28.89
C ALA A 214 22.53 -8.38 -27.83
N MET A 215 22.14 -8.22 -26.58
CA MET A 215 22.80 -8.88 -25.47
C MET A 215 21.76 -9.52 -24.58
N ASN A 216 22.13 -10.66 -23.99
CA ASN A 216 21.38 -11.17 -22.85
C ASN A 216 22.38 -11.71 -21.85
N MET A 217 21.93 -11.81 -20.60
CA MET A 217 22.81 -12.18 -19.51
C MET A 217 21.98 -12.80 -18.39
N ASP A 218 22.62 -13.68 -17.63
CA ASP A 218 21.96 -14.27 -16.47
C ASP A 218 21.59 -13.19 -15.47
N MET A 219 20.40 -13.31 -14.90
CA MET A 219 19.83 -12.29 -14.02
C MET A 219 19.13 -13.00 -12.87
N PRO A 220 19.89 -13.56 -11.93
CA PRO A 220 19.26 -14.28 -10.81
C PRO A 220 18.40 -13.37 -9.94
N THR A 221 18.80 -12.11 -9.74
CA THR A 221 17.99 -11.14 -9.02
C THR A 221 17.95 -9.86 -9.83
N SER A 222 16.97 -9.01 -9.49
CA SER A 222 16.84 -7.72 -10.16
C SER A 222 17.97 -6.77 -9.83
N ASP A 223 18.82 -7.12 -8.85
CA ASP A 223 19.90 -6.23 -8.44
C ASP A 223 20.83 -5.87 -9.59
N GLY A 224 21.06 -6.78 -10.52
CA GLY A 224 22.03 -6.56 -11.57
C GLY A 224 21.45 -6.06 -12.88
N LEU A 225 20.25 -5.47 -12.85
CA LEU A 225 19.60 -5.04 -14.09
C LEU A 225 20.40 -3.96 -14.80
N GLY A 226 21.06 -3.07 -14.04
CA GLY A 226 21.86 -2.04 -14.68
C GLY A 226 23.01 -2.57 -15.51
N LEU A 227 23.37 -3.85 -15.32
CA LEU A 227 24.48 -4.43 -16.07
C LEU A 227 24.13 -4.67 -17.52
N ARG A 228 22.85 -4.79 -17.86
CA ARG A 228 22.47 -4.98 -19.25
C ARG A 228 23.04 -3.86 -20.11
N GLN A 229 22.83 -2.61 -19.69
CA GLN A 229 23.34 -1.48 -20.46
C GLN A 229 24.82 -1.24 -20.19
N ALA A 230 25.27 -1.42 -18.95
CA ALA A 230 26.65 -1.09 -18.60
C ALA A 230 27.63 -2.02 -19.29
N ILE A 231 27.34 -3.32 -19.33
CA ILE A 231 28.22 -4.26 -20.02
C ILE A 231 28.24 -3.96 -21.52
N THR A 232 27.06 -3.77 -22.12
CA THR A 232 27.01 -3.44 -23.53
C THR A 232 27.87 -2.23 -23.85
N LYS A 233 27.80 -1.19 -23.01
CA LYS A 233 28.53 0.04 -23.31
C LYS A 233 30.04 -0.15 -23.17
N GLU A 234 30.49 -1.02 -22.26
CA GLU A 234 31.92 -1.32 -22.16
C GLU A 234 32.43 -1.99 -23.43
N VAL A 235 31.63 -2.87 -24.01
CA VAL A 235 32.03 -3.50 -25.25
C VAL A 235 32.09 -2.46 -26.36
N LEU A 236 31.07 -1.61 -26.44
CA LEU A 236 31.06 -0.53 -27.42
C LEU A 236 32.27 0.38 -27.23
N LYS A 237 32.55 0.76 -25.99
CA LYS A 237 33.73 1.59 -25.73
C LYS A 237 35.01 0.86 -26.08
N GLN A 238 35.11 -0.42 -25.72
CA GLN A 238 36.31 -1.18 -26.05
C GLN A 238 36.53 -1.22 -27.55
N GLU A 239 35.47 -1.49 -28.31
CA GLU A 239 35.55 -1.53 -29.76
C GLU A 239 35.53 -0.14 -30.38
N LYS A 240 35.70 0.91 -29.57
CA LYS A 240 35.83 2.28 -30.05
C LYS A 240 34.66 2.67 -30.95
N ILE A 241 33.49 2.10 -30.65
CA ILE A 241 32.27 2.52 -31.33
C ILE A 241 31.69 3.76 -30.66
N ILE A 242 31.86 3.89 -29.35
CA ILE A 242 31.47 5.10 -28.64
C ILE A 242 32.64 5.54 -27.76
N PRO A 243 32.77 6.85 -27.46
CA PRO A 243 33.79 7.30 -26.51
C PRO A 243 33.53 6.77 -25.10
N GLU B 2 -22.36 -16.42 15.49
CA GLU B 2 -21.93 -15.22 16.19
C GLU B 2 -20.44 -15.02 16.02
N TRP B 3 -19.99 -13.78 15.99
CA TRP B 3 -18.58 -13.46 15.86
C TRP B 3 -18.13 -12.56 17.01
N GLN B 4 -16.83 -12.61 17.29
CA GLN B 4 -16.22 -11.84 18.35
C GLN B 4 -14.86 -11.38 17.89
N GLU B 5 -14.55 -10.10 18.13
CA GLU B 5 -13.29 -9.52 17.74
C GLU B 5 -12.35 -9.51 18.94
N ASN B 6 -11.16 -10.09 18.77
CA ASN B 6 -10.15 -10.24 19.81
C ASN B 6 -8.87 -9.59 19.33
N LYS B 7 -8.74 -8.28 19.58
CA LYS B 7 -7.57 -7.51 19.12
C LYS B 7 -6.31 -7.85 19.90
N SER B 8 -6.39 -8.69 20.93
CA SER B 8 -5.17 -9.13 21.61
C SER B 8 -4.27 -9.92 20.66
N TRP B 9 -4.86 -10.58 19.66
CA TRP B 9 -4.08 -11.33 18.69
C TRP B 9 -3.24 -10.43 17.78
N ASN B 10 -3.61 -9.15 17.62
CA ASN B 10 -2.81 -8.26 16.79
C ASN B 10 -1.35 -8.25 17.22
N ALA B 11 -1.10 -8.52 18.51
CA ALA B 11 0.27 -8.56 19.00
C ALA B 11 1.11 -9.57 18.23
N HIS B 12 0.52 -10.71 17.87
CA HIS B 12 1.27 -11.73 17.15
C HIS B 12 1.71 -11.26 15.77
N PHE B 13 0.93 -10.37 15.14
CA PHE B 13 1.35 -9.77 13.89
C PHE B 13 2.36 -8.65 14.13
N THR B 14 2.14 -7.87 15.19
CA THR B 14 3.02 -6.75 15.49
C THR B 14 4.42 -7.21 15.89
N GLU B 15 4.50 -8.32 16.62
CA GLU B 15 5.78 -8.85 17.04
C GLU B 15 6.66 -9.26 15.86
N HIS B 16 6.08 -9.46 14.68
CA HIS B 16 6.82 -9.89 13.49
C HIS B 16 6.77 -8.87 12.34
N LYS B 17 6.67 -7.58 12.67
CA LYS B 17 6.75 -6.51 11.65
C LYS B 17 5.81 -6.77 10.47
N SER B 18 4.63 -7.31 10.75
CA SER B 18 3.68 -7.64 9.70
C SER B 18 2.26 -7.29 10.15
N GLN B 19 1.32 -7.50 9.23
CA GLN B 19 -0.09 -7.20 9.42
C GLN B 19 -0.89 -8.35 8.80
N GLY B 20 -2.00 -8.71 9.41
CA GLY B 20 -2.83 -9.75 8.85
C GLY B 20 -4.04 -10.02 9.71
N VAL B 21 -4.71 -11.12 9.39
CA VAL B 21 -5.92 -11.54 10.09
C VAL B 21 -5.84 -13.03 10.36
N VAL B 22 -6.36 -13.44 11.52
CA VAL B 22 -6.63 -14.83 11.83
C VAL B 22 -8.11 -14.95 12.11
N VAL B 23 -8.76 -15.93 11.50
CA VAL B 23 -10.16 -16.23 11.74
C VAL B 23 -10.26 -17.67 12.23
N LEU B 24 -10.88 -17.85 13.39
CA LEU B 24 -11.10 -19.16 13.98
C LEU B 24 -12.59 -19.43 14.08
N TRP B 25 -12.97 -20.69 13.93
CA TRP B 25 -14.37 -21.10 14.04
C TRP B 25 -14.45 -22.35 14.91
N ASN B 26 -15.13 -22.24 16.04
CA ASN B 26 -15.38 -23.36 16.94
C ASN B 26 -16.62 -24.11 16.43
N GLU B 27 -16.42 -25.32 15.92
CA GLU B 27 -17.51 -26.03 15.29
C GLU B 27 -18.56 -26.48 16.31
N ASN B 28 -18.12 -26.98 17.46
CA ASN B 28 -19.07 -27.42 18.49
C ASN B 28 -19.97 -26.27 18.91
N LYS B 29 -19.38 -25.10 19.18
CA LYS B 29 -20.12 -23.97 19.69
C LYS B 29 -20.68 -23.07 18.61
N GLN B 30 -20.27 -23.24 17.36
CA GLN B 30 -20.72 -22.40 16.25
C GLN B 30 -20.42 -20.94 16.53
N GLN B 31 -19.18 -20.66 16.94
CA GLN B 31 -18.74 -19.31 17.24
C GLN B 31 -17.44 -19.01 16.51
N GLY B 32 -17.37 -17.80 15.96
CA GLY B 32 -16.18 -17.34 15.27
C GLY B 32 -15.41 -16.32 16.06
N PHE B 33 -14.10 -16.22 15.77
CA PHE B 33 -13.21 -15.30 16.48
C PHE B 33 -12.18 -14.78 15.50
N THR B 34 -11.89 -13.49 15.58
CA THR B 34 -10.90 -12.89 14.69
C THR B 34 -10.33 -11.64 15.35
N ASN B 35 -9.14 -11.25 14.90
CA ASN B 35 -8.51 -10.03 15.37
C ASN B 35 -8.95 -8.81 14.58
N ASN B 36 -9.64 -9.00 13.46
CA ASN B 36 -9.86 -7.91 12.51
C ASN B 36 -11.07 -8.29 11.64
N LEU B 37 -12.25 -7.86 12.08
CA LEU B 37 -13.47 -8.20 11.36
C LEU B 37 -13.45 -7.68 9.94
N LYS B 38 -12.83 -6.52 9.71
CA LYS B 38 -12.82 -5.93 8.38
C LYS B 38 -11.95 -6.76 7.43
N ARG B 39 -10.69 -7.00 7.81
CA ARG B 39 -9.81 -7.78 6.95
C ARG B 39 -10.31 -9.20 6.80
N ALA B 40 -10.97 -9.73 7.83
CA ALA B 40 -11.54 -11.07 7.75
C ALA B 40 -12.51 -11.19 6.58
N ASN B 41 -13.12 -10.10 6.15
CA ASN B 41 -14.06 -10.11 5.03
C ASN B 41 -13.50 -9.42 3.78
N GLN B 42 -12.25 -8.98 3.81
CA GLN B 42 -11.61 -8.43 2.62
C GLN B 42 -11.17 -9.57 1.72
N ALA B 43 -11.48 -9.45 0.43
CA ALA B 43 -11.27 -10.53 -0.54
C ALA B 43 -9.91 -10.40 -1.21
N PHE B 44 -9.18 -11.51 -1.27
CA PHE B 44 -7.87 -11.58 -1.90
C PHE B 44 -7.84 -12.70 -2.94
N LEU B 45 -6.78 -12.71 -3.75
CA LEU B 45 -6.53 -13.87 -4.60
C LEU B 45 -6.31 -15.10 -3.73
N PRO B 46 -6.89 -16.25 -4.08
CA PRO B 46 -6.66 -17.44 -3.27
C PRO B 46 -5.28 -18.04 -3.46
N ALA B 47 -4.67 -17.82 -4.64
CA ALA B 47 -3.37 -18.40 -4.98
C ALA B 47 -3.42 -19.89 -4.67
N SER B 48 -2.41 -20.47 -4.03
CA SER B 48 -2.33 -21.93 -3.92
C SER B 48 -3.37 -22.54 -2.98
N THR B 49 -4.10 -21.73 -2.19
CA THR B 49 -5.23 -22.30 -1.47
C THR B 49 -6.31 -22.77 -2.43
N PHE B 50 -6.25 -22.35 -3.69
CA PHE B 50 -7.22 -22.78 -4.68
C PHE B 50 -7.00 -24.24 -5.08
N KCX B 51 -5.85 -24.79 -4.69
CA KCX B 51 -5.54 -26.17 -5.02
CB KCX B 51 -4.09 -26.50 -4.65
CG KCX B 51 -3.09 -25.86 -5.60
CD KCX B 51 -1.65 -26.18 -5.27
CE KCX B 51 -0.71 -25.65 -6.34
NZ KCX B 51 -0.63 -24.15 -6.34
C KCX B 51 -6.51 -27.13 -4.32
O KCX B 51 -6.60 -28.30 -4.70
CX KCX B 51 -1.29 -23.42 -7.24
OQ1 KCX B 51 -1.97 -23.96 -8.13
OQ2 KCX B 51 -1.19 -22.18 -7.20
H KCX B 51 -5.24 -24.38 -4.25
HA KCX B 51 -5.63 -26.29 -5.86
HB2 KCX B 51 -3.98 -27.34 -4.68
HG2 KCX B 51 -3.18 -25.01 -5.57
HD2 KCX B 51 -1.55 -27.03 -5.24
HE2 KCX B 51 0.07 -25.95 -6.20
N ILE B 52 -7.25 -26.64 -3.33
CA ILE B 52 -8.28 -27.45 -2.67
C ILE B 52 -9.47 -27.65 -3.62
N PRO B 53 -10.15 -26.57 -4.03
CA PRO B 53 -11.24 -26.76 -4.99
C PRO B 53 -10.77 -27.33 -6.31
N ASN B 54 -9.61 -26.91 -6.80
CA ASN B 54 -9.07 -27.45 -8.05
C ASN B 54 -8.94 -28.97 -7.96
N SER B 55 -8.36 -29.47 -6.87
CA SER B 55 -8.26 -30.92 -6.68
C SER B 55 -9.63 -31.58 -6.69
N LEU B 56 -10.57 -31.01 -5.93
CA LEU B 56 -11.92 -31.58 -5.87
C LEU B 56 -12.52 -31.73 -7.26
N ILE B 57 -12.40 -30.67 -8.07
CA ILE B 57 -13.02 -30.68 -9.39
C ILE B 57 -12.32 -31.69 -10.29
N ALA B 58 -10.99 -31.69 -10.28
CA ALA B 58 -10.25 -32.65 -11.09
C ALA B 58 -10.62 -34.08 -10.73
N LEU B 59 -10.74 -34.38 -9.43
CA LEU B 59 -11.09 -35.73 -9.01
C LEU B 59 -12.52 -36.09 -9.43
N ASP B 60 -13.47 -35.19 -9.20
CA ASP B 60 -14.85 -35.53 -9.47
C ASP B 60 -15.15 -35.63 -10.95
N LEU B 61 -14.38 -34.97 -11.80
CA LEU B 61 -14.56 -35.04 -13.24
C LEU B 61 -13.73 -36.14 -13.88
N GLY B 62 -12.88 -36.82 -13.12
CA GLY B 62 -12.03 -37.86 -13.69
C GLY B 62 -10.76 -37.35 -14.33
N VAL B 63 -10.49 -36.04 -14.25
CA VAL B 63 -9.19 -35.53 -14.70
C VAL B 63 -8.07 -36.18 -13.91
N VAL B 64 -8.28 -36.39 -12.61
CA VAL B 64 -7.36 -37.12 -11.75
C VAL B 64 -8.06 -38.41 -11.34
N LYS B 65 -7.38 -39.53 -11.55
CA LYS B 65 -7.99 -40.84 -11.31
C LYS B 65 -8.05 -41.12 -9.82
N ASP B 66 -6.96 -40.88 -9.11
CA ASP B 66 -6.88 -41.05 -7.66
C ASP B 66 -5.60 -40.37 -7.17
N GLU B 67 -5.33 -40.51 -5.88
CA GLU B 67 -4.18 -39.83 -5.28
C GLU B 67 -2.84 -40.50 -5.63
N HIS B 68 -2.86 -41.62 -6.37
CA HIS B 68 -1.63 -42.30 -6.79
C HIS B 68 -1.23 -41.97 -8.22
N GLN B 69 -2.17 -41.53 -9.05
CA GLN B 69 -1.86 -41.21 -10.43
C GLN B 69 -0.69 -40.24 -10.50
N VAL B 70 0.25 -40.54 -11.39
CA VAL B 70 1.50 -39.81 -11.50
C VAL B 70 1.35 -38.77 -12.60
N PHE B 71 1.78 -37.54 -12.31
CA PHE B 71 1.78 -36.47 -13.29
C PHE B 71 3.24 -36.22 -13.65
N LYS B 72 3.63 -36.66 -14.83
CA LYS B 72 5.04 -36.61 -15.21
C LYS B 72 5.47 -35.16 -15.34
N TRP B 73 6.66 -34.87 -14.81
CA TRP B 73 7.32 -33.59 -15.08
C TRP B 73 7.44 -33.36 -16.58
N ASP B 74 7.15 -32.15 -17.01
CA ASP B 74 7.20 -31.82 -18.44
C ASP B 74 8.62 -31.55 -18.93
N GLY B 75 9.64 -31.72 -18.08
CA GLY B 75 11.00 -31.54 -18.50
C GLY B 75 11.47 -30.10 -18.53
N GLN B 76 10.61 -29.15 -18.19
CA GLN B 76 10.98 -27.74 -18.17
C GLN B 76 11.52 -27.41 -16.78
N THR B 77 12.79 -27.01 -16.73
CA THR B 77 13.43 -26.69 -15.47
C THR B 77 12.85 -25.39 -14.89
N ARG B 78 12.29 -25.47 -13.69
CA ARG B 78 11.78 -24.31 -13.00
C ARG B 78 12.61 -24.03 -11.76
N ASP B 79 12.43 -22.82 -11.20
CA ASP B 79 13.27 -22.36 -10.10
C ASP B 79 12.97 -23.05 -8.78
N ILE B 80 11.85 -23.75 -8.64
CA ILE B 80 11.52 -24.48 -7.43
C ILE B 80 11.95 -25.92 -7.64
N ALA B 81 13.04 -26.32 -6.97
CA ALA B 81 13.65 -27.62 -7.22
C ALA B 81 12.66 -28.77 -7.10
N THR B 82 11.67 -28.65 -6.22
CA THR B 82 10.78 -29.77 -5.97
C THR B 82 9.69 -29.87 -7.02
N TRP B 83 9.51 -28.82 -7.82
CA TRP B 83 8.61 -28.88 -8.96
C TRP B 83 9.18 -29.67 -10.13
N ASN B 84 10.50 -29.86 -10.17
CA ASN B 84 11.15 -30.53 -11.31
C ASN B 84 11.23 -32.03 -11.07
N ARG B 85 10.05 -32.64 -10.98
CA ARG B 85 9.95 -34.06 -10.74
C ARG B 85 8.51 -34.50 -10.92
N ASP B 86 8.32 -35.82 -10.94
CA ASP B 86 6.99 -36.39 -11.01
C ASP B 86 6.26 -36.16 -9.69
N HIS B 87 4.94 -36.08 -9.77
CA HIS B 87 4.12 -35.82 -8.60
C HIS B 87 2.84 -36.62 -8.70
N ASN B 88 2.26 -36.89 -7.56
CA ASN B 88 0.87 -37.30 -7.46
C ASN B 88 0.11 -36.22 -6.71
N LEU B 89 -1.17 -36.43 -6.50
CA LEU B 89 -1.99 -35.43 -5.84
C LEU B 89 -1.41 -35.08 -4.47
N ILE B 90 -0.93 -36.07 -3.73
CA ILE B 90 -0.40 -35.83 -2.40
C ILE B 90 0.83 -34.92 -2.47
N THR B 91 1.81 -35.29 -3.30
CA THR B 91 3.03 -34.48 -3.37
C THR B 91 2.79 -33.14 -4.07
N ALA B 92 1.91 -33.11 -5.08
CA ALA B 92 1.62 -31.84 -5.74
C ALA B 92 1.00 -30.84 -4.77
N MET B 93 0.21 -31.31 -3.81
CA MET B 93 -0.31 -30.43 -2.77
C MET B 93 0.77 -30.04 -1.78
N LYS B 94 1.58 -31.02 -1.35
CA LYS B 94 2.63 -30.76 -0.37
C LYS B 94 3.59 -29.69 -0.85
N TYR B 95 4.02 -29.78 -2.10
CA TYR B 95 4.99 -28.86 -2.66
C TYR B 95 4.33 -27.77 -3.50
N SER B 96 3.00 -27.66 -3.45
CA SER B 96 2.26 -26.57 -4.07
C SER B 96 2.74 -26.37 -5.51
N VAL B 97 2.62 -27.43 -6.29
CA VAL B 97 3.25 -27.53 -7.60
C VAL B 97 2.28 -26.88 -8.59
N VAL B 98 2.48 -25.58 -8.83
CA VAL B 98 1.60 -24.83 -9.73
C VAL B 98 1.46 -25.50 -11.09
N PRO B 99 2.53 -25.91 -11.78
CA PRO B 99 2.37 -26.44 -13.14
C PRO B 99 1.42 -27.63 -13.23
N VAL B 100 1.40 -28.49 -12.22
CA VAL B 100 0.48 -29.63 -12.22
C VAL B 100 -0.96 -29.14 -12.20
N TYR B 101 -1.27 -28.19 -11.33
CA TYR B 101 -2.64 -27.72 -11.21
C TYR B 101 -3.04 -26.84 -12.39
N GLN B 102 -2.08 -26.15 -13.00
CA GLN B 102 -2.39 -25.45 -14.24
C GLN B 102 -2.89 -26.42 -15.30
N GLU B 103 -2.24 -27.58 -15.41
CA GLU B 103 -2.67 -28.58 -16.39
C GLU B 103 -4.03 -29.17 -16.00
N PHE B 104 -4.27 -29.38 -14.70
CA PHE B 104 -5.61 -29.74 -14.25
C PHE B 104 -6.63 -28.75 -14.78
N ALA B 105 -6.37 -27.46 -14.57
CA ALA B 105 -7.33 -26.43 -14.94
C ALA B 105 -7.61 -26.45 -16.43
N ARG B 106 -6.57 -26.61 -17.26
CA ARG B 106 -6.77 -26.67 -18.70
C ARG B 106 -7.65 -27.86 -19.08
N GLN B 107 -7.46 -29.00 -18.43
CA GLN B 107 -8.29 -30.17 -18.72
C GLN B 107 -9.70 -30.05 -18.17
N ILE B 108 -9.87 -29.38 -17.02
CA ILE B 108 -11.22 -29.09 -16.53
C ILE B 108 -11.95 -28.19 -17.52
N GLY B 109 -11.32 -27.09 -17.92
CA GLY B 109 -11.91 -26.17 -18.87
C GLY B 109 -12.72 -25.08 -18.19
N GLU B 110 -12.87 -23.97 -18.91
CA GLU B 110 -13.56 -22.79 -18.37
C GLU B 110 -14.96 -23.14 -17.87
N ALA B 111 -15.77 -23.77 -18.72
CA ALA B 111 -17.18 -23.97 -18.40
C ALA B 111 -17.35 -24.80 -17.14
N ARG B 112 -16.70 -25.95 -17.08
CA ARG B 112 -16.87 -26.82 -15.91
C ARG B 112 -16.27 -26.20 -14.66
N MET B 113 -15.14 -25.49 -14.81
CA MET B 113 -14.56 -24.81 -13.66
C MET B 113 -15.50 -23.74 -13.13
N SER B 114 -16.09 -22.95 -14.04
CA SER B 114 -17.01 -21.90 -13.63
C SER B 114 -18.20 -22.48 -12.87
N LYS B 115 -18.85 -23.49 -13.43
CA LYS B 115 -20.02 -24.07 -12.78
C LYS B 115 -19.67 -24.61 -11.41
N MET B 116 -18.54 -25.32 -11.29
CA MET B 116 -18.24 -25.99 -10.03
C MET B 116 -17.99 -24.96 -8.93
N LEU B 117 -17.36 -23.85 -9.27
CA LEU B 117 -17.14 -22.80 -8.28
C LEU B 117 -18.46 -22.17 -7.87
N HIS B 118 -19.41 -22.05 -8.80
CA HIS B 118 -20.75 -21.62 -8.42
C HIS B 118 -21.40 -22.65 -7.49
N ALA B 119 -21.27 -23.93 -7.82
CA ALA B 119 -21.82 -24.98 -6.97
C ALA B 119 -21.15 -25.00 -5.60
N PHE B 120 -19.86 -24.65 -5.54
CA PHE B 120 -19.15 -24.57 -4.26
C PHE B 120 -19.40 -23.27 -3.50
N ASP B 121 -20.05 -22.29 -4.12
CA ASP B 121 -20.21 -20.98 -3.49
C ASP B 121 -18.86 -20.40 -3.08
N TYR B 122 -17.86 -20.58 -3.94
CA TYR B 122 -16.47 -20.32 -3.59
C TYR B 122 -16.12 -18.87 -3.92
N GLY B 123 -15.92 -18.06 -2.88
CA GLY B 123 -15.51 -16.68 -3.09
C GLY B 123 -16.48 -15.95 -3.99
N ASN B 124 -15.94 -15.10 -4.87
CA ASN B 124 -16.78 -14.38 -5.82
C ASN B 124 -17.15 -15.23 -7.02
N GLU B 125 -16.72 -16.49 -7.06
CA GLU B 125 -17.14 -17.45 -8.08
C GLU B 125 -16.74 -17.00 -9.49
N ASP B 126 -15.74 -16.13 -9.59
CA ASP B 126 -15.38 -15.46 -10.83
C ASP B 126 -14.03 -15.98 -11.32
N ILE B 127 -14.03 -16.65 -12.47
CA ILE B 127 -12.80 -17.20 -13.04
C ILE B 127 -12.24 -16.28 -14.13
N SER B 128 -12.61 -15.01 -14.13
CA SER B 128 -12.13 -14.10 -15.15
C SER B 128 -10.60 -14.17 -15.22
N GLY B 129 -10.08 -14.21 -16.44
CA GLY B 129 -8.66 -14.35 -16.67
C GLY B 129 -8.34 -15.59 -17.48
N ASN B 130 -7.08 -15.99 -17.48
CA ASN B 130 -6.67 -17.20 -18.17
C ASN B 130 -7.03 -18.44 -17.35
N VAL B 131 -7.59 -19.44 -18.03
CA VAL B 131 -8.05 -20.64 -17.36
C VAL B 131 -6.93 -21.32 -16.56
N ASP B 132 -5.67 -21.11 -16.94
CA ASP B 132 -4.57 -21.80 -16.28
C ASP B 132 -3.80 -20.90 -15.30
N SER B 133 -4.37 -19.76 -14.91
CA SER B 133 -3.69 -18.91 -13.94
C SER B 133 -4.62 -17.95 -13.20
N PHE B 134 -5.93 -18.11 -13.37
CA PHE B 134 -6.84 -17.10 -12.84
C PHE B 134 -6.76 -17.01 -11.32
N TRP B 135 -6.42 -18.11 -10.65
CA TRP B 135 -6.26 -18.08 -9.20
C TRP B 135 -4.96 -17.41 -8.78
N LEU B 136 -4.10 -17.06 -9.74
CA LEU B 136 -2.85 -16.36 -9.47
C LEU B 136 -2.88 -14.90 -9.91
N ASP B 137 -3.58 -14.58 -11.00
CA ASP B 137 -3.63 -13.21 -11.49
C ASP B 137 -4.93 -12.90 -12.23
N GLY B 138 -5.98 -13.67 -12.02
CA GLY B 138 -7.27 -13.43 -12.61
C GLY B 138 -8.20 -12.71 -11.67
N GLY B 139 -9.49 -12.89 -11.87
CA GLY B 139 -10.49 -12.12 -11.15
C GLY B 139 -11.06 -12.78 -9.92
N ILE B 140 -10.67 -14.02 -9.60
CA ILE B 140 -11.29 -14.72 -8.48
C ILE B 140 -10.75 -14.15 -7.17
N ARG B 141 -11.65 -14.04 -6.19
CA ARG B 141 -11.34 -13.47 -4.89
C ARG B 141 -12.07 -14.26 -3.82
N ILE B 142 -11.47 -14.33 -2.63
CA ILE B 142 -12.09 -15.03 -1.51
C ILE B 142 -11.59 -14.39 -0.21
N SER B 143 -12.48 -14.28 0.77
CA SER B 143 -12.11 -13.78 2.08
C SER B 143 -11.79 -14.93 3.02
N ALA B 144 -11.17 -14.59 4.15
CA ALA B 144 -10.85 -15.60 5.15
C ALA B 144 -12.12 -16.25 5.68
N THR B 145 -13.17 -15.47 5.93
CA THR B 145 -14.43 -16.05 6.41
C THR B 145 -15.08 -16.92 5.33
N GLU B 146 -14.92 -16.55 4.06
CA GLU B 146 -15.43 -17.40 2.98
C GLU B 146 -14.63 -18.69 2.86
N GLN B 147 -13.33 -18.65 3.17
CA GLN B 147 -12.55 -19.88 3.22
C GLN B 147 -13.09 -20.81 4.30
N ILE B 148 -13.38 -20.26 5.48
CA ILE B 148 -13.98 -21.04 6.56
C ILE B 148 -15.23 -21.73 6.07
N SER B 149 -16.15 -20.96 5.50
CA SER B 149 -17.43 -21.47 5.04
C SER B 149 -17.22 -22.64 4.08
N PHE B 150 -16.30 -22.47 3.12
CA PHE B 150 -15.99 -23.53 2.18
C PHE B 150 -15.41 -24.74 2.87
N LEU B 151 -14.44 -24.52 3.78
CA LEU B 151 -13.78 -25.63 4.45
C LEU B 151 -14.74 -26.41 5.33
N ARG B 152 -15.70 -25.73 5.99
CA ARG B 152 -16.66 -26.44 6.82
C ARG B 152 -17.50 -27.39 5.97
N LYS B 153 -17.89 -26.94 4.77
CA LYS B 153 -18.62 -27.81 3.86
C LYS B 153 -17.77 -29.01 3.48
N LEU B 154 -16.47 -28.79 3.20
CA LEU B 154 -15.59 -29.89 2.87
C LEU B 154 -15.51 -30.89 4.02
N TYR B 155 -15.28 -30.40 5.24
CA TYR B 155 -15.18 -31.28 6.40
C TYR B 155 -16.38 -32.20 6.51
N HIS B 156 -17.58 -31.66 6.30
CA HIS B 156 -18.82 -32.42 6.46
C HIS B 156 -19.25 -33.13 5.18
N ASN B 157 -18.40 -33.17 4.16
CA ASN B 157 -18.71 -33.84 2.89
C ASN B 157 -19.98 -33.30 2.24
N LYS B 158 -20.26 -32.01 2.42
CA LYS B 158 -21.49 -31.41 1.92
C LYS B 158 -21.31 -30.67 0.60
N LEU B 159 -20.08 -30.54 0.10
CA LEU B 159 -19.86 -29.94 -1.22
C LEU B 159 -20.50 -30.82 -2.31
N HIS B 160 -20.77 -30.19 -3.45
CA HIS B 160 -21.46 -30.87 -4.55
C HIS B 160 -20.47 -31.62 -5.44
N VAL B 161 -19.69 -32.48 -4.79
CA VAL B 161 -18.93 -33.53 -5.44
C VAL B 161 -19.12 -34.79 -4.60
N SER B 162 -18.62 -35.92 -5.11
CA SER B 162 -18.81 -37.17 -4.40
C SER B 162 -18.10 -37.13 -3.05
N GLU B 163 -18.57 -37.97 -2.13
CA GLU B 163 -17.87 -38.15 -0.87
C GLU B 163 -16.42 -38.57 -1.10
N ARG B 164 -16.19 -39.47 -2.06
CA ARG B 164 -14.85 -39.95 -2.35
C ARG B 164 -13.90 -38.79 -2.68
N SER B 165 -14.31 -37.90 -3.58
CA SER B 165 -13.46 -36.77 -3.95
C SER B 165 -13.11 -35.92 -2.75
N GLN B 166 -14.07 -35.67 -1.87
CA GLN B 166 -13.79 -34.88 -0.69
C GLN B 166 -12.87 -35.61 0.29
N ARG B 167 -13.07 -36.91 0.46
CA ARG B 167 -12.18 -37.69 1.32
C ARG B 167 -10.75 -37.66 0.80
N ILE B 168 -10.57 -37.78 -0.52
CA ILE B 168 -9.22 -37.79 -1.09
C ILE B 168 -8.54 -36.45 -0.86
N VAL B 169 -9.25 -35.34 -1.09
CA VAL B 169 -8.65 -34.03 -0.91
C VAL B 169 -8.29 -33.80 0.56
N LYS B 170 -9.17 -34.22 1.48
CA LYS B 170 -8.87 -34.07 2.89
C LYS B 170 -7.64 -34.89 3.29
N GLN B 171 -7.43 -36.03 2.65
CA GLN B 171 -6.19 -36.76 2.84
C GLN B 171 -5.01 -35.94 2.33
N ALA B 172 -5.13 -35.40 1.12
CA ALA B 172 -4.05 -34.62 0.51
C ALA B 172 -3.74 -33.35 1.30
N MET B 173 -4.70 -32.87 2.11
CA MET B 173 -4.48 -31.68 2.92
C MET B 173 -3.69 -31.97 4.20
N LEU B 174 -3.47 -33.23 4.53
CA LEU B 174 -2.81 -33.57 5.79
C LEU B 174 -1.46 -32.88 5.89
N THR B 175 -1.29 -32.09 6.95
CA THR B 175 -0.09 -31.30 7.18
C THR B 175 0.68 -31.75 8.41
N GLU B 176 -0.02 -32.05 9.50
CA GLU B 176 0.61 -32.37 10.76
C GLU B 176 -0.32 -33.27 11.56
N ALA B 177 0.26 -34.27 12.22
CA ALA B 177 -0.48 -35.14 13.11
C ALA B 177 0.44 -35.60 14.24
N ASN B 178 -0.08 -35.58 15.45
CA ASN B 178 0.63 -36.08 16.62
C ASN B 178 -0.41 -36.55 17.62
N GLY B 179 0.04 -36.89 18.83
CA GLY B 179 -0.87 -37.40 19.83
C GLY B 179 -1.92 -36.40 20.29
N ASP B 180 -1.73 -35.11 19.99
CA ASP B 180 -2.60 -34.07 20.51
C ASP B 180 -3.57 -33.51 19.48
N TYR B 181 -3.18 -33.44 18.20
CA TYR B 181 -4.06 -32.85 17.20
C TYR B 181 -3.65 -33.28 15.81
N ILE B 182 -4.57 -33.09 14.87
CA ILE B 182 -4.34 -33.26 13.45
C ILE B 182 -4.64 -31.93 12.78
N ILE B 183 -3.76 -31.48 11.90
CA ILE B 183 -4.00 -30.30 11.08
C ILE B 183 -4.09 -30.72 9.63
N ARG B 184 -5.20 -30.38 8.99
CA ARG B 184 -5.34 -30.47 7.54
C ARG B 184 -5.49 -29.04 7.01
N ALA B 185 -4.63 -28.67 6.07
CA ALA B 185 -4.51 -27.27 5.69
C ALA B 185 -3.79 -27.15 4.35
N LYS B 186 -3.84 -25.94 3.81
CA LYS B 186 -3.13 -25.59 2.58
C LYS B 186 -2.62 -24.17 2.69
N THR B 187 -1.37 -23.97 2.30
CA THR B 187 -0.76 -22.64 2.27
C THR B 187 -1.08 -21.94 0.95
N GLY B 188 -0.90 -20.63 0.96
CA GLY B 188 -1.03 -19.83 -0.25
C GLY B 188 -0.05 -18.69 -0.24
N TYR B 189 0.41 -18.32 -1.44
CA TYR B 189 1.38 -17.24 -1.60
C TYR B 189 1.00 -16.48 -2.88
N SER B 190 0.48 -15.27 -2.71
CA SER B 190 -0.02 -14.45 -3.81
C SER B 190 0.92 -13.27 -4.03
N THR B 191 1.52 -13.19 -5.22
CA THR B 191 2.48 -12.13 -5.52
C THR B 191 2.16 -11.33 -6.77
N ARG B 192 1.32 -11.82 -7.67
CA ARG B 192 1.12 -11.14 -8.95
C ARG B 192 0.28 -9.88 -8.84
N ILE B 193 -0.56 -9.76 -7.81
CA ILE B 193 -1.43 -8.60 -7.64
C ILE B 193 -1.26 -8.09 -6.22
N GLU B 194 -1.11 -6.77 -6.08
CA GLU B 194 -1.00 -6.17 -4.76
C GLU B 194 -2.35 -6.22 -4.04
N PRO B 195 -2.34 -6.35 -2.70
CA PRO B 195 -1.15 -6.54 -1.87
C PRO B 195 -0.67 -8.00 -1.89
N LYS B 196 0.65 -8.18 -1.81
CA LYS B 196 1.20 -9.53 -1.74
C LYS B 196 0.89 -10.12 -0.36
N ILE B 197 0.34 -11.33 -0.34
CA ILE B 197 -0.12 -11.93 0.90
C ILE B 197 0.26 -13.41 0.95
N GLY B 198 0.31 -13.92 2.17
CA GLY B 198 0.39 -15.35 2.40
C GLY B 198 -0.93 -15.82 3.02
N TRP B 199 -1.32 -17.05 2.68
CA TRP B 199 -2.49 -17.69 3.25
C TRP B 199 -2.06 -18.89 4.10
N TRP B 200 -2.90 -19.23 5.07
CA TRP B 200 -2.92 -20.59 5.63
C TRP B 200 -4.34 -20.86 6.08
N VAL B 201 -4.96 -21.89 5.50
CA VAL B 201 -6.35 -22.22 5.80
C VAL B 201 -6.45 -23.72 6.04
N GLY B 202 -7.34 -24.10 6.94
CA GLY B 202 -7.56 -25.51 7.23
C GLY B 202 -8.33 -25.65 8.54
N TRP B 203 -8.01 -26.72 9.27
CA TRP B 203 -8.66 -26.94 10.55
C TRP B 203 -7.78 -27.82 11.43
N VAL B 204 -8.06 -27.74 12.73
CA VAL B 204 -7.38 -28.52 13.75
C VAL B 204 -8.39 -29.52 14.30
N GLU B 205 -8.11 -30.80 14.10
CA GLU B 205 -8.97 -31.86 14.63
C GLU B 205 -8.51 -32.23 16.03
N LEU B 206 -9.44 -32.20 16.98
CA LEU B 206 -9.20 -32.64 18.34
C LEU B 206 -10.10 -33.85 18.61
N ASP B 207 -9.89 -34.47 19.76
CA ASP B 207 -10.67 -35.68 20.10
C ASP B 207 -12.16 -35.42 19.95
N ASP B 208 -12.66 -34.32 20.51
CA ASP B 208 -14.10 -34.07 20.54
C ASP B 208 -14.48 -32.68 20.01
N ASN B 209 -13.63 -32.05 19.21
CA ASN B 209 -13.98 -30.77 18.59
C ASN B 209 -13.10 -30.52 17.37
N VAL B 210 -13.50 -29.54 16.57
CA VAL B 210 -12.74 -29.12 15.40
C VAL B 210 -12.68 -27.60 15.38
N TRP B 211 -11.48 -27.05 15.21
CA TRP B 211 -11.27 -25.61 15.07
C TRP B 211 -10.84 -25.33 13.64
N PHE B 212 -11.73 -24.72 12.86
CA PHE B 212 -11.36 -24.24 11.53
C PHE B 212 -10.60 -22.92 11.67
N PHE B 213 -9.65 -22.72 10.76
CA PHE B 213 -8.87 -21.49 10.77
C PHE B 213 -8.61 -21.03 9.34
N ALA B 214 -8.47 -19.72 9.19
CA ALA B 214 -8.07 -19.11 7.93
C ALA B 214 -7.36 -17.81 8.25
N MET B 215 -6.14 -17.68 7.77
CA MET B 215 -5.33 -16.50 8.02
C MET B 215 -4.75 -16.01 6.71
N ASN B 216 -4.59 -14.68 6.61
CA ASN B 216 -3.72 -14.13 5.59
C ASN B 216 -2.96 -12.97 6.21
N MET B 217 -1.85 -12.62 5.57
CA MET B 217 -0.95 -11.62 6.12
C MET B 217 -0.15 -11.00 4.98
N ASP B 218 0.26 -9.76 5.19
CA ASP B 218 1.12 -9.10 4.21
C ASP B 218 2.43 -9.87 4.08
N MET B 219 2.91 -9.98 2.85
CA MET B 219 4.09 -10.80 2.54
C MET B 219 4.92 -10.06 1.51
N PRO B 220 5.60 -8.99 1.94
CA PRO B 220 6.41 -8.22 0.97
C PRO B 220 7.51 -9.04 0.31
N THR B 221 8.14 -9.94 1.06
CA THR B 221 9.12 -10.86 0.51
C THR B 221 8.83 -12.26 1.01
N SER B 222 9.40 -13.24 0.31
CA SER B 222 9.24 -14.65 0.71
C SER B 222 9.94 -14.96 2.01
N ASP B 223 10.76 -14.04 2.53
CA ASP B 223 11.50 -14.29 3.77
C ASP B 223 10.57 -14.64 4.93
N GLY B 224 9.37 -14.05 4.96
CA GLY B 224 8.47 -14.23 6.09
C GLY B 224 7.42 -15.30 5.87
N LEU B 225 7.67 -16.24 4.94
CA LEU B 225 6.66 -17.25 4.64
C LEU B 225 6.39 -18.15 5.83
N GLY B 226 7.41 -18.46 6.63
CA GLY B 226 7.22 -19.30 7.79
C GLY B 226 6.29 -18.70 8.82
N LEU B 227 6.02 -17.41 8.74
CA LEU B 227 5.13 -16.76 9.70
C LEU B 227 3.68 -17.16 9.52
N ARG B 228 3.30 -17.61 8.32
CA ARG B 228 1.93 -18.06 8.09
C ARG B 228 1.53 -19.12 9.11
N GLN B 229 2.38 -20.15 9.28
CA GLN B 229 2.07 -21.21 10.22
C GLN B 229 2.41 -20.81 11.65
N ALA B 230 3.50 -20.06 11.84
CA ALA B 230 3.95 -19.75 13.19
C ALA B 230 2.98 -18.81 13.89
N ILE B 231 2.45 -17.80 13.18
CA ILE B 231 1.50 -16.88 13.79
C ILE B 231 0.20 -17.60 14.13
N THR B 232 -0.32 -18.38 13.17
CA THR B 232 -1.52 -19.16 13.43
C THR B 232 -1.34 -20.02 14.68
N LYS B 233 -0.17 -20.64 14.82
CA LYS B 233 0.05 -21.53 15.96
C LYS B 233 0.16 -20.75 17.27
N GLU B 234 0.72 -19.54 17.25
CA GLU B 234 0.75 -18.74 18.47
C GLU B 234 -0.67 -18.42 18.92
N VAL B 235 -1.57 -18.16 17.99
CA VAL B 235 -2.96 -17.92 18.34
C VAL B 235 -3.60 -19.18 18.90
N LEU B 236 -3.42 -20.31 18.21
CA LEU B 236 -3.96 -21.57 18.70
C LEU B 236 -3.44 -21.88 20.09
N LYS B 237 -2.15 -21.68 20.33
CA LYS B 237 -1.59 -21.89 21.66
C LYS B 237 -2.18 -20.92 22.67
N GLN B 238 -2.30 -19.64 22.31
CA GLN B 238 -2.86 -18.65 23.23
C GLN B 238 -4.26 -19.04 23.66
N GLU B 239 -5.09 -19.45 22.71
CA GLU B 239 -6.45 -19.89 22.99
C GLU B 239 -6.50 -21.32 23.51
N LYS B 240 -5.35 -21.89 23.88
CA LYS B 240 -5.26 -23.20 24.49
C LYS B 240 -5.96 -24.25 23.64
N ILE B 241 -5.92 -24.06 22.31
CA ILE B 241 -6.45 -25.06 21.40
C ILE B 241 -5.41 -26.14 21.15
N ILE B 242 -4.13 -25.79 21.15
CA ILE B 242 -3.06 -26.79 21.08
C ILE B 242 -2.05 -26.50 22.18
N PRO B 243 -1.33 -27.51 22.68
CA PRO B 243 -0.24 -27.25 23.63
C PRO B 243 0.87 -26.42 22.98
N GLU C 2 -23.84 -10.56 13.69
CA GLU C 2 -24.67 -11.49 12.95
C GLU C 2 -25.23 -10.84 11.69
N TRP C 3 -25.31 -11.61 10.62
CA TRP C 3 -25.86 -11.15 9.35
C TRP C 3 -26.93 -12.12 8.87
N GLN C 4 -27.84 -11.60 8.05
CA GLN C 4 -28.96 -12.39 7.54
C GLN C 4 -29.20 -12.01 6.10
N GLU C 5 -29.37 -13.01 5.24
CA GLU C 5 -29.57 -12.79 3.82
C GLU C 5 -31.06 -12.91 3.50
N ASN C 6 -31.59 -11.90 2.82
CA ASN C 6 -33.02 -11.82 2.47
C ASN C 6 -33.09 -11.64 0.95
N LYS C 7 -33.16 -12.76 0.24
CA LYS C 7 -33.17 -12.74 -1.22
C LYS C 7 -34.48 -12.20 -1.79
N SER C 8 -35.50 -11.98 -0.96
CA SER C 8 -36.75 -11.41 -1.46
C SER C 8 -36.54 -10.00 -1.97
N TRP C 9 -35.56 -9.27 -1.42
CA TRP C 9 -35.28 -7.93 -1.91
C TRP C 9 -34.77 -7.93 -3.34
N ASN C 10 -34.22 -9.06 -3.80
CA ASN C 10 -33.75 -9.15 -5.17
C ASN C 10 -34.85 -8.77 -6.16
N ALA C 11 -36.11 -8.98 -5.79
CA ALA C 11 -37.21 -8.62 -6.67
C ALA C 11 -37.18 -7.14 -7.01
N HIS C 12 -36.81 -6.29 -6.05
CA HIS C 12 -36.77 -4.85 -6.30
C HIS C 12 -35.72 -4.48 -7.34
N PHE C 13 -34.62 -5.24 -7.43
CA PHE C 13 -33.63 -4.97 -8.46
C PHE C 13 -34.05 -5.52 -9.83
N THR C 14 -34.60 -6.73 -9.87
CA THR C 14 -34.96 -7.34 -11.15
C THR C 14 -36.13 -6.61 -11.80
N GLU C 15 -37.04 -6.05 -11.00
CA GLU C 15 -38.17 -5.33 -11.58
C GLU C 15 -37.70 -4.20 -12.49
N HIS C 16 -36.46 -3.75 -12.34
CA HIS C 16 -35.90 -2.71 -13.18
C HIS C 16 -34.69 -3.21 -13.97
N LYS C 17 -34.65 -4.53 -14.23
CA LYS C 17 -33.61 -5.09 -15.08
C LYS C 17 -32.23 -4.62 -14.64
N SER C 18 -32.03 -4.59 -13.32
CA SER C 18 -30.78 -4.12 -12.76
C SER C 18 -30.29 -5.11 -11.71
N GLN C 19 -29.08 -4.88 -11.25
CA GLN C 19 -28.44 -5.76 -10.28
C GLN C 19 -27.68 -4.93 -9.28
N GLY C 20 -27.74 -5.33 -8.02
CA GLY C 20 -27.02 -4.62 -6.99
C GLY C 20 -27.29 -5.25 -5.64
N VAL C 21 -26.89 -4.53 -4.60
CA VAL C 21 -27.04 -4.99 -3.23
C VAL C 21 -27.55 -3.85 -2.38
N VAL C 22 -28.38 -4.20 -1.40
CA VAL C 22 -28.77 -3.30 -0.33
C VAL C 22 -28.31 -3.93 0.97
N VAL C 23 -27.64 -3.15 1.81
CA VAL C 23 -27.18 -3.59 3.12
C VAL C 23 -27.82 -2.69 4.16
N LEU C 24 -28.50 -3.29 5.13
CA LEU C 24 -29.10 -2.57 6.24
C LEU C 24 -28.46 -3.01 7.55
N TRP C 25 -28.37 -2.08 8.48
CA TRP C 25 -27.82 -2.34 9.79
C TRP C 25 -28.75 -1.73 10.85
N ASN C 26 -29.31 -2.59 11.69
CA ASN C 26 -30.14 -2.16 12.80
C ASN C 26 -29.21 -1.86 13.98
N GLU C 27 -29.09 -0.57 14.33
CA GLU C 27 -28.10 -0.17 15.33
C GLU C 27 -28.44 -0.68 16.72
N ASN C 28 -29.72 -0.61 17.11
CA ASN C 28 -30.11 -1.09 18.45
C ASN C 28 -29.78 -2.56 18.60
N LYS C 29 -30.12 -3.36 17.60
CA LYS C 29 -30.03 -4.81 17.68
C LYS C 29 -28.69 -5.34 17.21
N GLN C 30 -27.86 -4.50 16.58
CA GLN C 30 -26.55 -4.91 16.08
C GLN C 30 -26.69 -6.07 15.10
N GLN C 31 -27.61 -5.92 14.15
CA GLN C 31 -27.87 -6.94 13.15
C GLN C 31 -27.86 -6.35 11.76
N GLY C 32 -27.25 -7.07 10.83
CA GLY C 32 -27.22 -6.64 9.44
C GLY C 32 -28.12 -7.47 8.55
N PHE C 33 -28.55 -6.90 7.43
CA PHE C 33 -29.45 -7.57 6.50
C PHE C 33 -29.10 -7.15 5.09
N THR C 34 -29.09 -8.12 4.17
CA THR C 34 -28.77 -7.83 2.79
C THR C 34 -29.37 -8.90 1.90
N ASN C 35 -29.55 -8.56 0.62
CA ASN C 35 -30.00 -9.51 -0.37
C ASN C 35 -28.86 -10.35 -0.94
N ASN C 36 -27.62 -9.98 -0.64
CA ASN C 36 -26.47 -10.55 -1.34
C ASN C 36 -25.25 -10.33 -0.42
N LEU C 37 -24.98 -11.32 0.43
CA LEU C 37 -23.88 -11.20 1.38
C LEU C 37 -22.54 -11.00 0.67
N LYS C 38 -22.37 -11.62 -0.50
CA LYS C 38 -21.10 -11.51 -1.20
C LYS C 38 -20.90 -10.12 -1.78
N ARG C 39 -21.88 -9.63 -2.56
CA ARG C 39 -21.73 -8.29 -3.12
C ARG C 39 -21.69 -7.24 -2.02
N ALA C 40 -22.34 -7.51 -0.87
CA ALA C 40 -22.25 -6.61 0.26
C ALA C 40 -20.81 -6.39 0.71
N ASN C 41 -19.94 -7.38 0.47
CA ASN C 41 -18.52 -7.28 0.83
C ASN C 41 -17.62 -7.05 -0.37
N GLN C 42 -18.19 -6.87 -1.56
CA GLN C 42 -17.38 -6.56 -2.73
C GLN C 42 -17.00 -5.09 -2.72
N ALA C 43 -15.71 -4.80 -2.87
CA ALA C 43 -15.20 -3.44 -2.74
C ALA C 43 -15.18 -2.77 -4.11
N PHE C 44 -15.69 -1.54 -4.17
CA PHE C 44 -15.72 -0.74 -5.38
C PHE C 44 -15.07 0.61 -5.12
N LEU C 45 -14.85 1.35 -6.20
CA LEU C 45 -14.49 2.74 -6.08
C LEU C 45 -15.60 3.49 -5.34
N PRO C 46 -15.26 4.36 -4.39
CA PRO C 46 -16.33 5.09 -3.68
C PRO C 46 -16.98 6.18 -4.50
N ALA C 47 -16.26 6.73 -5.48
CA ALA C 47 -16.74 7.85 -6.30
C ALA C 47 -17.26 8.92 -5.35
N SER C 48 -18.44 9.52 -5.58
CA SER C 48 -18.84 10.69 -4.82
C SER C 48 -19.24 10.37 -3.39
N THR C 49 -19.37 9.10 -2.99
CA THR C 49 -19.53 8.84 -1.56
C THR C 49 -18.27 9.24 -0.80
N PHE C 50 -17.16 9.43 -1.51
CA PHE C 50 -15.91 9.83 -0.87
C PHE C 50 -15.97 11.28 -0.40
N KCX C 51 -17.02 12.00 -0.78
CA KCX C 51 -17.14 13.39 -0.37
CB KCX C 51 -18.25 14.09 -1.16
CG KCX C 51 -17.85 14.38 -2.61
CD KCX C 51 -18.92 15.11 -3.39
CE KCX C 51 -18.40 15.50 -4.78
NZ KCX C 51 -18.18 14.30 -5.65
C KCX C 51 -17.40 13.49 1.13
O KCX C 51 -17.17 14.54 1.73
CX KCX C 51 -16.96 13.80 -5.88
OQ1 KCX C 51 -16.86 12.81 -6.61
OQ2 KCX C 51 -15.95 14.31 -5.37
H KCX C 51 -17.66 11.71 -1.28
HA KCX C 51 -16.41 13.79 -0.53
HB2 KCX C 51 -18.43 14.82 -0.79
HG2 KCX C 51 -17.15 14.86 -2.61
HD2 KCX C 51 -19.58 14.59 -3.51
HE2 KCX C 51 -17.66 15.89 -4.68
N ILE C 52 -17.85 12.40 1.74
CA ILE C 52 -18.05 12.37 3.19
C ILE C 52 -16.69 12.47 3.91
N PRO C 53 -15.79 11.50 3.70
CA PRO C 53 -14.45 11.62 4.32
C PRO C 53 -13.67 12.82 3.83
N ASN C 54 -13.76 13.13 2.54
CA ASN C 54 -13.07 14.31 2.01
C ASN C 54 -13.51 15.56 2.74
N SER C 55 -14.82 15.71 2.95
CA SER C 55 -15.34 16.84 3.72
C SER C 55 -14.78 16.85 5.13
N LEU C 56 -14.84 15.71 5.81
CA LEU C 56 -14.34 15.60 7.18
C LEU C 56 -12.89 16.08 7.27
N ILE C 57 -12.06 15.63 6.33
CA ILE C 57 -10.64 15.94 6.39
C ILE C 57 -10.41 17.42 6.10
N ALA C 58 -11.07 17.96 5.07
CA ALA C 58 -10.89 19.37 4.74
C ALA C 58 -11.26 20.25 5.92
N LEU C 59 -12.35 19.94 6.61
CA LEU C 59 -12.78 20.74 7.75
C LEU C 59 -11.78 20.67 8.91
N ASP C 60 -11.32 19.46 9.24
CA ASP C 60 -10.50 19.30 10.43
C ASP C 60 -9.12 19.91 10.23
N LEU C 61 -8.66 20.00 8.98
CA LEU C 61 -7.38 20.61 8.67
C LEU C 61 -7.50 22.11 8.37
N GLY C 62 -8.71 22.65 8.35
CA GLY C 62 -8.92 24.04 8.05
C GLY C 62 -8.93 24.39 6.58
N VAL C 63 -8.86 23.40 5.69
CA VAL C 63 -9.06 23.68 4.26
C VAL C 63 -10.43 24.30 4.06
N VAL C 64 -11.43 23.83 4.79
CA VAL C 64 -12.75 24.42 4.81
C VAL C 64 -12.99 25.00 6.21
N LYS C 65 -13.36 26.28 6.27
CA LYS C 65 -13.51 26.94 7.56
C LYS C 65 -14.85 26.58 8.21
N ASP C 66 -15.93 26.62 7.44
CA ASP C 66 -17.25 26.22 7.94
C ASP C 66 -18.14 25.96 6.73
N GLU C 67 -19.40 25.65 7.01
CA GLU C 67 -20.34 25.27 5.96
C GLU C 67 -20.85 26.46 5.15
N HIS C 68 -20.44 27.69 5.50
CA HIS C 68 -20.85 28.87 4.77
C HIS C 68 -19.78 29.40 3.82
N GLN C 69 -18.51 29.04 4.03
CA GLN C 69 -17.43 29.51 3.17
C GLN C 69 -17.73 29.22 1.71
N VAL C 70 -17.49 30.22 0.86
CA VAL C 70 -17.86 30.14 -0.55
C VAL C 70 -16.64 29.72 -1.36
N PHE C 71 -16.84 28.74 -2.22
CA PHE C 71 -15.81 28.27 -3.16
C PHE C 71 -16.25 28.71 -4.55
N LYS C 72 -15.57 29.72 -5.08
CA LYS C 72 -15.98 30.33 -6.33
C LYS C 72 -15.83 29.36 -7.49
N TRP C 73 -16.81 29.40 -8.40
CA TRP C 73 -16.68 28.75 -9.69
C TRP C 73 -15.39 29.24 -10.35
N ASP C 74 -14.61 28.30 -10.90
CA ASP C 74 -13.36 28.66 -11.53
C ASP C 74 -13.53 29.18 -12.96
N GLY C 75 -14.77 29.34 -13.43
CA GLY C 75 -15.04 29.87 -14.75
C GLY C 75 -14.99 28.87 -15.88
N GLN C 76 -14.67 27.61 -15.61
CA GLN C 76 -14.67 26.57 -16.63
C GLN C 76 -16.06 25.96 -16.74
N THR C 77 -16.70 26.15 -17.89
CA THR C 77 -18.03 25.58 -18.10
C THR C 77 -17.93 24.07 -18.25
N ARG C 78 -18.61 23.34 -17.37
CA ARG C 78 -18.62 21.88 -17.40
C ARG C 78 -20.00 21.36 -17.75
N ASP C 79 -20.07 20.05 -18.00
CA ASP C 79 -21.28 19.44 -18.54
C ASP C 79 -22.45 19.44 -17.56
N ILE C 80 -22.19 19.58 -16.27
CA ILE C 80 -23.24 19.63 -15.25
C ILE C 80 -23.48 21.09 -14.91
N ALA C 81 -24.63 21.61 -15.36
CA ALA C 81 -24.92 23.04 -15.21
C ALA C 81 -24.81 23.50 -13.76
N THR C 82 -25.08 22.62 -12.79
CA THR C 82 -25.14 23.06 -11.41
C THR C 82 -23.75 23.17 -10.80
N TRP C 83 -22.74 22.62 -11.46
CA TRP C 83 -21.35 22.83 -11.07
C TRP C 83 -20.83 24.20 -11.48
N ASN C 84 -21.49 24.87 -12.42
CA ASN C 84 -21.01 26.14 -12.96
C ASN C 84 -21.59 27.31 -12.16
N ARG C 85 -21.25 27.34 -10.87
CA ARG C 85 -21.72 28.39 -9.97
C ARG C 85 -20.92 28.29 -8.68
N ASP C 86 -21.07 29.29 -7.83
CA ASP C 86 -20.45 29.26 -6.52
C ASP C 86 -21.15 28.23 -5.64
N HIS C 87 -20.39 27.68 -4.69
CA HIS C 87 -20.88 26.64 -3.80
C HIS C 87 -20.31 26.81 -2.41
N ASN C 88 -21.04 26.32 -1.42
CA ASN C 88 -20.50 26.05 -0.09
C ASN C 88 -20.57 24.54 0.15
N LEU C 89 -20.13 24.11 1.33
CA LEU C 89 -20.10 22.69 1.63
C LEU C 89 -21.48 22.07 1.47
N ILE C 90 -22.53 22.76 1.91
CA ILE C 90 -23.88 22.20 1.80
C ILE C 90 -24.25 21.97 0.34
N THR C 91 -24.12 23.02 -0.49
CA THR C 91 -24.51 22.88 -1.88
C THR C 91 -23.52 22.01 -2.65
N ALA C 92 -22.24 22.06 -2.28
CA ALA C 92 -21.25 21.24 -2.96
C ALA C 92 -21.53 19.75 -2.76
N MET C 93 -22.02 19.38 -1.58
CA MET C 93 -22.43 18.00 -1.36
C MET C 93 -23.76 17.70 -2.04
N LYS C 94 -24.70 18.64 -1.96
CA LYS C 94 -26.02 18.44 -2.55
C LYS C 94 -25.92 18.13 -4.04
N TYR C 95 -25.10 18.89 -4.76
CA TYR C 95 -24.96 18.73 -6.20
C TYR C 95 -23.72 17.92 -6.57
N SER C 96 -23.06 17.30 -5.60
CA SER C 96 -21.94 16.39 -5.85
C SER C 96 -20.92 17.04 -6.79
N VAL C 97 -20.40 18.18 -6.33
CA VAL C 97 -19.61 19.08 -7.18
C VAL C 97 -18.17 18.60 -7.14
N VAL C 98 -17.81 17.74 -8.10
CA VAL C 98 -16.46 17.19 -8.16
C VAL C 98 -15.39 18.28 -8.15
N PRO C 99 -15.48 19.34 -8.97
CA PRO C 99 -14.38 20.31 -9.01
C PRO C 99 -14.07 20.94 -7.66
N VAL C 100 -15.07 21.17 -6.82
CA VAL C 100 -14.83 21.72 -5.49
C VAL C 100 -14.01 20.75 -4.66
N TYR C 101 -14.38 19.47 -4.68
CA TYR C 101 -13.70 18.48 -3.86
C TYR C 101 -12.32 18.12 -4.39
N GLN C 102 -12.12 18.21 -5.71
CA GLN C 102 -10.77 18.06 -6.24
C GLN C 102 -9.86 19.14 -5.69
N GLU C 103 -10.36 20.37 -5.57
CA GLU C 103 -9.57 21.45 -4.99
C GLU C 103 -9.29 21.21 -3.51
N PHE C 104 -10.27 20.68 -2.77
CA PHE C 104 -10.02 20.26 -1.39
C PHE C 104 -8.83 19.30 -1.33
N ALA C 105 -8.87 18.24 -2.14
CA ALA C 105 -7.87 17.18 -2.04
C ALA C 105 -6.48 17.72 -2.33
N ARG C 106 -6.34 18.61 -3.30
CA ARG C 106 -5.02 19.16 -3.62
C ARG C 106 -4.45 19.91 -2.41
N GLN C 107 -5.30 20.64 -1.69
CA GLN C 107 -4.85 21.37 -0.52
C GLN C 107 -4.60 20.44 0.65
N ILE C 108 -5.37 19.36 0.75
CA ILE C 108 -5.10 18.33 1.76
C ILE C 108 -3.74 17.71 1.51
N GLY C 109 -3.48 17.27 0.28
CA GLY C 109 -2.22 16.68 -0.08
C GLY C 109 -2.21 15.17 0.10
N GLU C 110 -1.33 14.52 -0.65
CA GLU C 110 -1.24 13.06 -0.61
C GLU C 110 -1.02 12.55 0.81
N ALA C 111 -0.02 13.12 1.49
CA ALA C 111 0.39 12.60 2.79
C ALA C 111 -0.75 12.68 3.81
N ARG C 112 -1.34 13.86 3.98
CA ARG C 112 -2.38 14.01 4.98
C ARG C 112 -3.63 13.23 4.63
N MET C 113 -3.95 13.12 3.33
CA MET C 113 -5.08 12.30 2.91
C MET C 113 -4.86 10.84 3.27
N SER C 114 -3.65 10.33 2.99
CA SER C 114 -3.33 8.94 3.29
C SER C 114 -3.43 8.67 4.80
N LYS C 115 -2.82 9.54 5.61
CA LYS C 115 -2.87 9.36 7.05
C LYS C 115 -4.30 9.31 7.57
N MET C 116 -5.13 10.23 7.10
CA MET C 116 -6.49 10.35 7.63
C MET C 116 -7.35 9.14 7.27
N LEU C 117 -7.21 8.63 6.05
CA LEU C 117 -7.99 7.45 5.68
C LEU C 117 -7.55 6.23 6.47
N HIS C 118 -6.26 6.14 6.80
CA HIS C 118 -5.83 5.09 7.72
C HIS C 118 -6.47 5.25 9.09
N ALA C 119 -6.50 6.48 9.60
CA ALA C 119 -7.13 6.72 10.89
C ALA C 119 -8.62 6.41 10.83
N PHE C 120 -9.25 6.61 9.67
CA PHE C 120 -10.66 6.29 9.48
C PHE C 120 -10.90 4.81 9.23
N ASP C 121 -9.85 4.02 9.03
CA ASP C 121 -9.99 2.61 8.67
C ASP C 121 -10.88 2.46 7.43
N TYR C 122 -10.66 3.35 6.46
CA TYR C 122 -11.59 3.54 5.34
C TYR C 122 -11.18 2.62 4.19
N GLY C 123 -12.00 1.61 3.94
CA GLY C 123 -11.78 0.72 2.80
C GLY C 123 -10.39 0.12 2.85
N ASN C 124 -9.79 -0.03 1.66
CA ASN C 124 -8.43 -0.55 1.57
C ASN C 124 -7.37 0.51 1.86
N GLU C 125 -7.78 1.74 2.18
CA GLU C 125 -6.89 2.81 2.63
C GLU C 125 -5.86 3.19 1.57
N ASP C 126 -6.12 2.91 0.30
CA ASP C 126 -5.13 3.06 -0.76
C ASP C 126 -5.53 4.26 -1.64
N ILE C 127 -4.72 5.31 -1.61
CA ILE C 127 -4.99 6.51 -2.40
C ILE C 127 -4.13 6.57 -3.66
N SER C 128 -3.51 5.46 -4.06
CA SER C 128 -2.62 5.51 -5.22
C SER C 128 -3.35 6.10 -6.42
N GLY C 129 -2.66 6.98 -7.14
CA GLY C 129 -3.24 7.71 -8.24
C GLY C 129 -3.15 9.21 -8.02
N ASN C 130 -3.94 10.00 -8.74
CA ASN C 130 -3.92 11.43 -8.55
C ASN C 130 -4.58 11.79 -7.23
N VAL C 131 -3.93 12.66 -6.47
CA VAL C 131 -4.50 13.07 -5.19
C VAL C 131 -5.88 13.67 -5.37
N ASP C 132 -6.17 14.22 -6.56
CA ASP C 132 -7.44 14.88 -6.82
C ASP C 132 -8.38 14.05 -7.69
N SER C 133 -8.15 12.74 -7.81
CA SER C 133 -9.11 11.91 -8.55
C SER C 133 -9.08 10.43 -8.16
N PHE C 134 -8.34 10.07 -7.10
CA PHE C 134 -8.16 8.66 -6.79
C PHE C 134 -9.47 7.98 -6.43
N TRP C 135 -10.43 8.72 -5.87
CA TRP C 135 -11.72 8.14 -5.54
C TRP C 135 -12.60 7.93 -6.78
N LEU C 136 -12.17 8.41 -7.94
CA LEU C 136 -12.89 8.22 -9.20
C LEU C 136 -12.20 7.24 -10.15
N ASP C 137 -10.86 7.19 -10.14
CA ASP C 137 -10.15 6.31 -11.06
C ASP C 137 -8.82 5.85 -10.50
N GLY C 138 -8.63 5.93 -9.18
CA GLY C 138 -7.43 5.47 -8.52
C GLY C 138 -7.62 4.11 -7.89
N GLY C 139 -6.83 3.84 -6.86
CA GLY C 139 -6.77 2.54 -6.24
C GLY C 139 -7.64 2.31 -5.02
N ILE C 140 -8.39 3.33 -4.57
CA ILE C 140 -9.16 3.21 -3.35
C ILE C 140 -10.40 2.35 -3.62
N ARG C 141 -10.72 1.48 -2.67
CA ARG C 141 -11.84 0.56 -2.78
C ARG C 141 -12.52 0.42 -1.44
N ILE C 142 -13.84 0.27 -1.48
CA ILE C 142 -14.62 0.11 -0.26
C ILE C 142 -15.88 -0.68 -0.61
N SER C 143 -16.28 -1.57 0.30
CA SER C 143 -17.51 -2.33 0.15
C SER C 143 -18.65 -1.65 0.92
N ALA C 144 -19.87 -2.12 0.66
CA ALA C 144 -21.04 -1.56 1.34
C ALA C 144 -20.97 -1.77 2.85
N THR C 145 -20.52 -2.94 3.30
CA THR C 145 -20.42 -3.17 4.74
C THR C 145 -19.34 -2.28 5.36
N GLU C 146 -18.27 -1.99 4.62
CA GLU C 146 -17.23 -1.10 5.13
C GLU C 146 -17.74 0.35 5.17
N GLN C 147 -18.63 0.71 4.25
CA GLN C 147 -19.26 2.02 4.31
C GLN C 147 -20.07 2.17 5.58
N ILE C 148 -20.89 1.16 5.89
CA ILE C 148 -21.67 1.17 7.12
C ILE C 148 -20.75 1.31 8.33
N SER C 149 -19.71 0.49 8.42
CA SER C 149 -18.80 0.59 9.55
C SER C 149 -18.28 2.01 9.69
N PHE C 150 -17.88 2.61 8.57
CA PHE C 150 -17.39 3.99 8.59
C PHE C 150 -18.49 4.96 9.03
N LEU C 151 -19.69 4.81 8.47
CA LEU C 151 -20.78 5.73 8.81
C LEU C 151 -21.17 5.62 10.28
N ARG C 152 -21.10 4.41 10.85
CA ARG C 152 -21.44 4.25 12.26
C ARG C 152 -20.49 5.05 13.15
N LYS C 153 -19.20 5.05 12.81
CA LYS C 153 -18.26 5.88 13.57
C LYS C 153 -18.62 7.35 13.43
N LEU C 154 -18.97 7.78 12.21
CA LEU C 154 -19.36 9.16 12.00
C LEU C 154 -20.58 9.52 12.84
N TYR C 155 -21.61 8.68 12.80
CA TYR C 155 -22.82 8.94 13.58
C TYR C 155 -22.51 9.16 15.05
N HIS C 156 -21.63 8.34 15.62
CA HIS C 156 -21.30 8.40 17.04
C HIS C 156 -20.15 9.36 17.33
N ASN C 157 -19.71 10.15 16.35
CA ASN C 157 -18.60 11.08 16.53
C ASN C 157 -17.33 10.36 16.97
N LYS C 158 -17.14 9.12 16.49
CA LYS C 158 -16.00 8.31 16.89
C LYS C 158 -14.82 8.38 15.95
N LEU C 159 -14.95 9.03 14.80
CA LEU C 159 -13.80 9.21 13.94
C LEU C 159 -12.79 10.12 14.63
N HIS C 160 -11.54 9.98 14.23
CA HIS C 160 -10.46 10.71 14.88
C HIS C 160 -10.25 12.08 14.21
N VAL C 161 -11.36 12.81 14.19
CA VAL C 161 -11.38 14.24 13.88
C VAL C 161 -12.29 14.89 14.92
N SER C 162 -12.34 16.22 14.91
CA SER C 162 -13.09 16.92 15.93
C SER C 162 -14.57 16.59 15.86
N GLU C 163 -15.26 16.74 16.99
CA GLU C 163 -16.71 16.62 17.00
C GLU C 163 -17.34 17.62 16.05
N ARG C 164 -16.84 18.85 16.05
CA ARG C 164 -17.38 19.89 15.18
C ARG C 164 -17.37 19.43 13.71
N SER C 165 -16.22 18.95 13.23
CA SER C 165 -16.12 18.54 11.84
C SER C 165 -17.15 17.46 11.52
N GLN C 166 -17.32 16.49 12.43
CA GLN C 166 -18.29 15.43 12.17
C GLN C 166 -19.73 15.96 12.19
N ARG C 167 -20.03 16.88 13.11
CA ARG C 167 -21.37 17.46 13.12
C ARG C 167 -21.65 18.21 11.82
N ILE C 168 -20.67 18.96 11.32
CA ILE C 168 -20.87 19.74 10.11
C ILE C 168 -21.11 18.82 8.91
N VAL C 169 -20.34 17.75 8.79
CA VAL C 169 -20.53 16.83 7.66
C VAL C 169 -21.90 16.17 7.74
N LYS C 170 -22.31 15.77 8.93
CA LYS C 170 -23.63 15.15 9.07
C LYS C 170 -24.73 16.13 8.70
N GLN C 171 -24.52 17.43 8.98
CA GLN C 171 -25.46 18.44 8.52
C GLN C 171 -25.51 18.48 7.00
N ALA C 172 -24.33 18.50 6.36
CA ALA C 172 -24.26 18.52 4.90
C ALA C 172 -24.80 17.24 4.26
N MET C 173 -24.84 16.13 5.01
CA MET C 173 -25.39 14.90 4.48
C MET C 173 -26.91 14.87 4.50
N LEU C 174 -27.54 15.84 5.15
CA LEU C 174 -28.99 15.85 5.27
C LEU C 174 -29.64 15.82 3.89
N THR C 175 -30.48 14.81 3.69
CA THR C 175 -31.14 14.58 2.40
C THR C 175 -32.63 14.76 2.48
N GLU C 176 -33.26 14.23 3.53
CA GLU C 176 -34.71 14.24 3.64
C GLU C 176 -35.08 14.20 5.12
N ALA C 177 -36.10 14.98 5.48
CA ALA C 177 -36.63 14.96 6.83
C ALA C 177 -38.13 15.25 6.77
N ASN C 178 -38.89 14.50 7.55
CA ASN C 178 -40.32 14.70 7.68
C ASN C 178 -40.72 14.22 9.07
N GLY C 179 -42.04 14.15 9.33
CA GLY C 179 -42.51 13.77 10.64
C GLY C 179 -42.16 12.34 11.03
N ASP C 180 -41.77 11.51 10.06
CA ASP C 180 -41.55 10.09 10.31
C ASP C 180 -40.09 9.67 10.35
N TYR C 181 -39.20 10.33 9.60
CA TYR C 181 -37.81 9.91 9.60
C TYR C 181 -36.93 11.04 9.08
N ILE C 182 -35.62 10.89 9.34
CA ILE C 182 -34.59 11.74 8.78
C ILE C 182 -33.62 10.84 8.03
N ILE C 183 -33.25 11.25 6.82
CA ILE C 183 -32.24 10.56 6.03
C ILE C 183 -31.04 11.49 5.89
N ARG C 184 -29.88 11.03 6.33
CA ARG C 184 -28.60 11.64 6.01
C ARG C 184 -27.81 10.64 5.17
N ALA C 185 -27.37 11.06 3.99
CA ALA C 185 -26.87 10.10 3.01
C ALA C 185 -26.08 10.84 1.94
N LYS C 186 -25.37 10.07 1.12
CA LYS C 186 -24.63 10.61 -0.01
C LYS C 186 -24.68 9.62 -1.18
N THR C 187 -24.95 10.15 -2.36
CA THR C 187 -24.96 9.34 -3.58
C THR C 187 -23.55 9.24 -4.16
N GLY C 188 -23.37 8.26 -5.03
CA GLY C 188 -22.12 8.09 -5.75
C GLY C 188 -22.39 7.54 -7.14
N TYR C 189 -21.56 7.96 -8.09
CA TYR C 189 -21.72 7.53 -9.48
C TYR C 189 -20.31 7.30 -10.03
N SER C 190 -19.96 6.03 -10.26
CA SER C 190 -18.62 5.66 -10.70
C SER C 190 -18.68 5.21 -12.15
N THR C 191 -18.01 5.96 -13.02
CA THR C 191 -18.02 5.69 -14.46
C THR C 191 -16.65 5.57 -15.08
N ARG C 192 -15.58 6.02 -14.43
CA ARG C 192 -14.29 6.10 -15.11
C ARG C 192 -13.66 4.72 -15.25
N ILE C 193 -14.00 3.79 -14.36
CA ILE C 193 -13.44 2.45 -14.35
C ILE C 193 -14.58 1.44 -14.23
N GLU C 194 -14.53 0.39 -15.03
CA GLU C 194 -15.54 -0.64 -14.96
C GLU C 194 -15.40 -1.43 -13.65
N PRO C 195 -16.51 -1.94 -13.08
CA PRO C 195 -17.90 -1.79 -13.56
C PRO C 195 -18.51 -0.45 -13.18
N LYS C 196 -19.37 0.10 -14.04
CA LYS C 196 -20.07 1.32 -13.70
C LYS C 196 -21.17 1.03 -12.68
N ILE C 197 -21.16 1.78 -11.58
CA ILE C 197 -22.08 1.53 -10.47
C ILE C 197 -22.60 2.84 -9.92
N GLY C 198 -23.73 2.75 -9.23
CA GLY C 198 -24.24 3.83 -8.41
C GLY C 198 -24.17 3.43 -6.95
N TRP C 199 -23.92 4.42 -6.09
CA TRP C 199 -23.94 4.24 -4.65
C TRP C 199 -25.09 5.03 -4.03
N TRP C 200 -25.54 4.56 -2.86
CA TRP C 200 -26.25 5.42 -1.92
C TRP C 200 -25.95 4.88 -0.53
N VAL C 201 -25.35 5.71 0.31
CA VAL C 201 -24.95 5.30 1.65
C VAL C 201 -25.39 6.38 2.63
N GLY C 202 -25.77 5.95 3.83
CA GLY C 202 -26.19 6.87 4.87
C GLY C 202 -26.92 6.13 5.97
N TRP C 203 -27.91 6.80 6.56
CA TRP C 203 -28.70 6.15 7.59
C TRP C 203 -30.05 6.84 7.70
N VAL C 204 -30.98 6.12 8.31
CA VAL C 204 -32.34 6.59 8.56
C VAL C 204 -32.49 6.78 10.07
N GLU C 205 -32.72 8.02 10.50
CA GLU C 205 -32.94 8.30 11.91
C GLU C 205 -34.42 8.16 12.22
N LEU C 206 -34.74 7.34 13.22
CA LEU C 206 -36.08 7.20 13.73
C LEU C 206 -36.11 7.67 15.17
N ASP C 207 -37.32 7.74 15.72
CA ASP C 207 -37.49 8.21 17.09
C ASP C 207 -36.59 7.45 18.05
N ASP C 208 -36.56 6.12 17.95
CA ASP C 208 -35.86 5.29 18.93
C ASP C 208 -34.89 4.29 18.31
N ASN C 209 -34.47 4.50 17.06
CA ASN C 209 -33.48 3.62 16.44
C ASN C 209 -32.87 4.34 15.24
N VAL C 210 -31.79 3.76 14.73
CA VAL C 210 -31.13 4.23 13.52
C VAL C 210 -30.84 3.04 12.64
N TRP C 211 -31.22 3.13 11.38
CA TRP C 211 -30.93 2.10 10.39
C TRP C 211 -29.89 2.66 9.42
N PHE C 212 -28.66 2.17 9.51
CA PHE C 212 -27.66 2.51 8.52
C PHE C 212 -27.90 1.68 7.26
N PHE C 213 -27.61 2.28 6.11
CA PHE C 213 -27.78 1.58 4.85
C PHE C 213 -26.64 1.93 3.90
N ALA C 214 -26.35 0.99 3.00
CA ALA C 214 -25.38 1.19 1.94
C ALA C 214 -25.77 0.30 0.78
N MET C 215 -25.96 0.89 -0.40
CA MET C 215 -26.36 0.15 -1.58
C MET C 215 -25.46 0.53 -2.73
N ASN C 216 -25.19 -0.44 -3.60
CA ASN C 216 -24.64 -0.14 -4.91
C ASN C 216 -25.33 -1.03 -5.94
N MET C 217 -25.26 -0.61 -7.19
CA MET C 217 -25.96 -1.28 -8.27
C MET C 217 -25.25 -0.98 -9.57
N ASP C 218 -25.32 -1.91 -10.51
CA ASP C 218 -24.77 -1.67 -11.84
C ASP C 218 -25.50 -0.50 -12.48
N MET C 219 -24.74 0.36 -13.14
CA MET C 219 -25.26 1.61 -13.70
C MET C 219 -24.59 1.85 -15.04
N PRO C 220 -24.97 1.08 -16.07
CA PRO C 220 -24.30 1.26 -17.38
C PRO C 220 -24.47 2.65 -17.93
N THR C 221 -25.65 3.25 -17.75
CA THR C 221 -25.88 4.63 -18.18
C THR C 221 -26.62 5.38 -17.07
N SER C 222 -26.60 6.71 -17.18
CA SER C 222 -27.20 7.58 -16.18
C SER C 222 -28.71 7.49 -16.11
N ASP C 223 -29.35 6.76 -17.03
CA ASP C 223 -30.81 6.71 -17.05
C ASP C 223 -31.37 6.20 -15.73
N GLY C 224 -30.69 5.26 -15.09
CA GLY C 224 -31.20 4.62 -13.90
C GLY C 224 -30.68 5.17 -12.59
N LEU C 225 -30.17 6.41 -12.58
CA LEU C 225 -29.60 6.95 -11.36
C LEU C 225 -30.65 7.07 -10.25
N GLY C 226 -31.89 7.41 -10.62
CA GLY C 226 -32.94 7.53 -9.64
C GLY C 226 -33.25 6.23 -8.91
N LEU C 227 -32.78 5.09 -9.45
CA LEU C 227 -33.04 3.80 -8.81
C LEU C 227 -32.22 3.62 -7.54
N ARG C 228 -31.11 4.34 -7.40
CA ARG C 228 -30.32 4.24 -6.17
C ARG C 228 -31.19 4.52 -4.95
N GLN C 229 -31.91 5.64 -4.97
CA GLN C 229 -32.78 5.99 -3.85
C GLN C 229 -34.09 5.20 -3.90
N ALA C 230 -34.62 4.97 -5.10
CA ALA C 230 -35.93 4.32 -5.21
C ALA C 230 -35.89 2.88 -4.75
N ILE C 231 -34.84 2.14 -5.11
CA ILE C 231 -34.73 0.75 -4.68
C ILE C 231 -34.50 0.68 -3.17
N THR C 232 -33.59 1.51 -2.65
CA THR C 232 -33.32 1.52 -1.22
C THR C 232 -34.60 1.73 -0.41
N LYS C 233 -35.42 2.70 -0.81
CA LYS C 233 -36.62 3.02 -0.04
C LYS C 233 -37.67 1.92 -0.17
N GLU C 234 -37.75 1.28 -1.33
CA GLU C 234 -38.69 0.17 -1.48
C GLU C 234 -38.35 -0.94 -0.51
N VAL C 235 -37.05 -1.17 -0.28
CA VAL C 235 -36.63 -2.11 0.74
C VAL C 235 -37.01 -1.59 2.12
N LEU C 236 -36.72 -0.32 2.39
CA LEU C 236 -37.10 0.28 3.67
C LEU C 236 -38.61 0.17 3.89
N LYS C 237 -39.40 0.45 2.86
CA LYS C 237 -40.85 0.29 2.99
C LYS C 237 -41.21 -1.16 3.26
N GLN C 238 -40.59 -2.10 2.53
CA GLN C 238 -40.88 -3.51 2.74
C GLN C 238 -40.56 -3.94 4.16
N GLU C 239 -39.42 -3.50 4.70
CA GLU C 239 -39.05 -3.83 6.06
C GLU C 239 -39.75 -2.95 7.09
N LYS C 240 -40.77 -2.22 6.66
CA LYS C 240 -41.61 -1.44 7.56
C LYS C 240 -40.76 -0.49 8.40
N ILE C 241 -39.64 -0.04 7.84
CA ILE C 241 -38.80 0.95 8.48
C ILE C 241 -39.30 2.37 8.19
N ILE C 242 -39.86 2.59 7.00
CA ILE C 242 -40.52 3.85 6.67
C ILE C 242 -41.89 3.50 6.07
N PRO C 243 -42.85 4.42 6.17
CA PRO C 243 -44.14 4.17 5.52
C PRO C 243 -44.03 4.08 4.00
N GLU D 2 10.97 2.12 39.24
CA GLU D 2 10.22 1.19 38.41
C GLU D 2 9.73 1.83 37.11
N TRP D 3 9.73 1.04 36.03
CA TRP D 3 9.22 1.49 34.75
C TRP D 3 8.17 0.50 34.26
N GLN D 4 7.27 1.01 33.43
CA GLN D 4 6.18 0.22 32.89
C GLN D 4 5.94 0.61 31.43
N GLU D 5 5.78 -0.40 30.59
CA GLU D 5 5.56 -0.20 29.17
C GLU D 5 4.06 -0.33 28.88
N ASN D 6 3.50 0.67 28.22
CA ASN D 6 2.08 0.71 27.88
C ASN D 6 2.05 0.86 26.36
N LYS D 7 2.08 -0.26 25.63
CA LYS D 7 2.12 -0.15 24.19
C LYS D 7 0.80 0.34 23.60
N SER D 8 -0.25 0.48 24.43
CA SER D 8 -1.50 1.03 23.91
C SER D 8 -1.32 2.46 23.42
N TRP D 9 -0.33 3.18 23.97
CA TRP D 9 -0.07 4.53 23.50
C TRP D 9 0.43 4.55 22.06
N ASN D 10 1.01 3.43 21.59
CA ASN D 10 1.47 3.37 20.21
C ASN D 10 0.35 3.73 19.24
N ALA D 11 -0.90 3.47 19.63
CA ALA D 11 -2.04 3.80 18.76
C ALA D 11 -2.02 5.28 18.37
N HIS D 12 -1.63 6.14 19.31
CA HIS D 12 -1.57 7.57 19.03
C HIS D 12 -0.54 7.89 17.96
N PHE D 13 0.54 7.10 17.87
CA PHE D 13 1.52 7.27 16.80
C PHE D 13 1.04 6.62 15.51
N THR D 14 0.43 5.44 15.57
CA THR D 14 -0.06 4.81 14.36
C THR D 14 -1.21 5.60 13.75
N GLU D 15 -1.98 6.29 14.58
CA GLU D 15 -3.09 7.09 14.08
C GLU D 15 -2.62 8.09 13.04
N HIS D 16 -1.33 8.44 13.05
CA HIS D 16 -0.76 9.40 12.12
C HIS D 16 0.37 8.78 11.30
N LYS D 17 0.38 7.45 11.14
CA LYS D 17 1.40 6.76 10.36
C LYS D 17 2.80 7.24 10.75
N SER D 18 3.02 7.41 12.04
CA SER D 18 4.28 7.93 12.55
C SER D 18 4.82 7.02 13.65
N GLN D 19 6.03 7.34 14.08
CA GLN D 19 6.75 6.55 15.07
C GLN D 19 7.43 7.47 16.06
N GLY D 20 7.41 7.09 17.33
CA GLY D 20 8.07 7.88 18.35
C GLY D 20 7.85 7.25 19.70
N VAL D 21 8.20 8.01 20.74
CA VAL D 21 8.08 7.55 22.11
C VAL D 21 7.54 8.71 22.96
N VAL D 22 6.73 8.35 23.95
CA VAL D 22 6.35 9.27 25.03
C VAL D 22 6.82 8.64 26.33
N VAL D 23 7.50 9.42 27.16
CA VAL D 23 7.95 8.99 28.47
C VAL D 23 7.33 9.93 29.50
N LEU D 24 6.64 9.35 30.48
CA LEU D 24 6.05 10.11 31.58
C LEU D 24 6.69 9.68 32.89
N TRP D 25 6.78 10.63 33.82
CA TRP D 25 7.33 10.35 35.14
C TRP D 25 6.41 10.95 36.19
N ASN D 26 5.88 10.09 37.05
CA ASN D 26 5.06 10.50 38.18
C ASN D 26 5.99 10.85 39.34
N GLU D 27 6.07 12.14 39.68
CA GLU D 27 7.05 12.56 40.68
C GLU D 27 6.67 12.07 42.08
N ASN D 28 5.38 12.13 42.43
CA ASN D 28 4.96 11.66 43.74
C ASN D 28 5.33 10.20 43.95
N LYS D 29 5.02 9.36 42.96
CA LYS D 29 5.20 7.92 43.10
C LYS D 29 6.56 7.43 42.63
N GLN D 30 7.34 8.28 41.96
CA GLN D 30 8.65 7.88 41.45
C GLN D 30 8.52 6.70 40.50
N GLN D 31 7.60 6.82 39.56
CA GLN D 31 7.33 5.78 38.57
C GLN D 31 7.33 6.35 37.17
N GLY D 32 7.92 5.62 36.24
CA GLY D 32 7.95 6.01 34.85
C GLY D 32 7.04 5.18 33.97
N PHE D 33 6.63 5.74 32.84
CA PHE D 33 5.72 5.08 31.90
C PHE D 33 6.09 5.50 30.49
N THR D 34 6.08 4.54 29.58
CA THR D 34 6.42 4.82 28.18
C THR D 34 5.78 3.75 27.30
N ASN D 35 5.64 4.09 26.02
CA ASN D 35 5.16 3.14 25.03
C ASN D 35 6.27 2.26 24.48
N ASN D 36 7.54 2.60 24.74
CA ASN D 36 8.66 1.98 24.04
C ASN D 36 9.89 2.19 24.92
N LEU D 37 10.16 1.20 25.77
CA LEU D 37 11.26 1.32 26.74
C LEU D 37 12.60 1.53 26.05
N LYS D 38 12.79 0.93 24.87
CA LYS D 38 14.07 1.05 24.18
C LYS D 38 14.27 2.46 23.63
N ARG D 39 13.31 2.95 22.84
CA ARG D 39 13.45 4.29 22.29
C ARG D 39 13.46 5.34 23.39
N ALA D 40 12.79 5.07 24.51
CA ALA D 40 12.85 5.98 25.65
C ALA D 40 14.28 6.21 26.11
N ASN D 41 15.18 5.26 25.87
CA ASN D 41 16.58 5.38 26.23
C ASN D 41 17.48 5.62 25.03
N GLN D 42 16.92 5.79 23.83
CA GLN D 42 17.73 6.09 22.66
C GLN D 42 18.09 7.57 22.64
N ALA D 43 19.38 7.85 22.44
CA ALA D 43 19.89 9.21 22.52
C ALA D 43 19.89 9.85 21.13
N PHE D 44 19.37 11.08 21.06
CA PHE D 44 19.33 11.86 19.84
C PHE D 44 19.98 13.21 20.08
N LEU D 45 20.18 13.95 19.00
CA LEU D 45 20.55 15.35 19.11
C LEU D 45 19.45 16.09 19.86
N PRO D 46 19.80 16.97 20.81
CA PRO D 46 18.75 17.69 21.54
C PRO D 46 18.10 18.78 20.72
N ALA D 47 18.83 19.35 19.76
CA ALA D 47 18.35 20.48 18.95
C ALA D 47 17.81 21.55 19.89
N SER D 48 16.63 22.13 19.63
CA SER D 48 16.19 23.31 20.35
C SER D 48 15.81 23.02 21.79
N THR D 49 15.70 21.75 22.22
CA THR D 49 15.57 21.50 23.65
C THR D 49 16.83 21.90 24.39
N PHE D 50 17.94 22.09 23.68
CA PHE D 50 19.19 22.48 24.32
C PHE D 50 19.10 23.93 24.79
N KCX D 51 18.08 24.64 24.36
CA KCX D 51 17.91 26.03 24.78
CB KCX D 51 16.78 26.70 23.99
CG KCX D 51 17.16 27.02 22.54
CD KCX D 51 16.07 27.73 21.75
CE KCX D 51 16.58 28.14 20.37
NZ KCX D 51 16.80 26.92 19.51
C KCX D 51 17.67 26.12 26.29
O KCX D 51 17.88 27.17 26.88
CX KCX D 51 18.02 26.42 19.29
OQ1 KCX D 51 18.12 25.40 18.58
OQ2 KCX D 51 19.03 26.93 19.79
H KCX D 51 17.46 24.35 23.83
HA KCX D 51 18.63 26.45 24.61
HB2 KCX D 51 16.58 27.44 24.37
HG2 KCX D 51 17.85 27.51 22.54
HD2 KCX D 51 15.84 28.44 22.16
HE2 KCX D 51 17.33 28.53 20.46
N ILE D 52 17.22 25.02 26.91
CA ILE D 52 17.04 25.01 28.36
C ILE D 52 18.40 25.09 29.08
N PRO D 53 19.30 24.11 28.87
CA PRO D 53 20.63 24.24 29.50
C PRO D 53 21.41 25.45 29.02
N ASN D 54 21.30 25.78 27.73
CA ASN D 54 21.99 26.95 27.21
C ASN D 54 21.55 28.22 27.96
N SER D 55 20.24 28.38 28.17
CA SER D 55 19.75 29.52 28.93
C SER D 55 20.33 29.54 30.34
N LEU D 56 20.29 28.39 31.02
CA LEU D 56 20.82 28.30 32.38
C LEU D 56 22.26 28.78 32.43
N ILE D 57 23.08 28.33 31.48
CA ILE D 57 24.49 28.65 31.50
C ILE D 57 24.71 30.13 31.20
N ALA D 58 24.02 30.67 30.20
CA ALA D 58 24.17 32.08 29.88
C ALA D 58 23.78 32.97 31.06
N LEU D 59 22.68 32.65 31.75
CA LEU D 59 22.23 33.47 32.86
C LEU D 59 23.22 33.39 34.03
N ASP D 60 23.69 32.19 34.36
CA ASP D 60 24.54 32.04 35.54
C ASP D 60 25.92 32.64 35.33
N LEU D 61 26.37 32.76 34.08
CA LEU D 61 27.65 33.37 33.77
C LEU D 61 27.55 34.86 33.47
N GLY D 62 26.33 35.41 33.45
CA GLY D 62 26.14 36.82 33.15
C GLY D 62 26.12 37.17 31.67
N VAL D 63 26.18 36.18 30.77
CA VAL D 63 25.99 36.46 29.35
C VAL D 63 24.63 37.09 29.12
N VAL D 64 23.62 36.63 29.86
CA VAL D 64 22.30 37.21 29.88
C VAL D 64 22.08 37.79 31.26
N LYS D 65 21.69 39.06 31.32
CA LYS D 65 21.56 39.77 32.59
C LYS D 65 20.26 39.37 33.29
N ASP D 66 19.16 39.34 32.54
CA ASP D 66 17.86 38.90 33.07
C ASP D 66 16.94 38.64 31.88
N GLU D 67 15.67 38.32 32.18
CA GLU D 67 14.72 37.95 31.14
C GLU D 67 14.21 39.14 30.33
N HIS D 68 14.60 40.38 30.67
CA HIS D 68 14.19 41.56 29.92
C HIS D 68 15.23 42.08 28.95
N GLN D 69 16.51 41.72 29.14
CA GLN D 69 17.57 42.19 28.25
C GLN D 69 17.25 41.88 26.79
N VAL D 70 17.48 42.86 25.93
CA VAL D 70 17.11 42.78 24.51
C VAL D 70 18.33 42.38 23.70
N PHE D 71 18.16 41.40 22.83
CA PHE D 71 19.20 40.97 21.90
C PHE D 71 18.77 41.40 20.51
N LYS D 72 19.44 42.41 19.98
CA LYS D 72 19.02 43.02 18.72
C LYS D 72 19.16 42.03 17.58
N TRP D 73 18.17 42.06 16.68
CA TRP D 73 18.31 41.39 15.40
C TRP D 73 19.58 41.88 14.72
N ASP D 74 20.36 40.95 14.17
CA ASP D 74 21.63 41.30 13.53
C ASP D 74 21.45 41.80 12.11
N GLY D 75 20.20 41.97 11.66
CA GLY D 75 19.92 42.49 10.34
C GLY D 75 19.94 41.47 9.22
N GLN D 76 20.26 40.20 9.51
CA GLN D 76 20.27 39.15 8.50
C GLN D 76 18.88 38.53 8.41
N THR D 77 18.24 38.67 7.25
CA THR D 77 16.93 38.07 7.04
C THR D 77 17.07 36.56 6.91
N ARG D 78 16.38 35.84 7.78
CA ARG D 78 16.38 34.37 7.78
C ARG D 78 14.99 33.86 7.42
N ASP D 79 14.91 32.55 7.16
CA ASP D 79 13.69 31.97 6.62
C ASP D 79 12.52 32.04 7.59
N ILE D 80 12.80 32.26 8.88
CA ILE D 80 11.77 32.40 9.89
C ILE D 80 11.59 33.90 10.09
N ALA D 81 10.47 34.45 9.58
CA ALA D 81 10.18 35.88 9.58
C ALA D 81 10.32 36.42 10.99
N THR D 82 10.16 35.50 11.93
CA THR D 82 9.99 35.71 13.35
C THR D 82 11.29 35.76 14.14
N TRP D 83 12.38 35.24 13.56
CA TRP D 83 13.72 35.43 14.09
C TRP D 83 14.25 36.81 13.72
N ASN D 84 13.61 37.46 12.75
CA ASN D 84 14.08 38.73 12.19
C ASN D 84 13.49 39.91 12.96
N ARG D 85 13.80 39.95 14.25
CA ARG D 85 13.31 41.01 15.12
C ARG D 85 14.10 40.91 16.43
N ASP D 86 13.93 41.93 17.26
CA ASP D 86 14.55 41.90 18.58
C ASP D 86 13.87 40.86 19.45
N HIS D 87 14.64 40.32 20.39
CA HIS D 87 14.14 39.27 21.28
C HIS D 87 14.72 39.46 22.67
N ASN D 88 14.00 38.95 23.66
CA ASN D 88 14.53 38.70 25.00
C ASN D 88 14.50 37.19 25.24
N LEU D 89 14.94 36.80 26.44
CA LEU D 89 14.99 35.37 26.75
C LEU D 89 13.60 34.73 26.62
N ILE D 90 12.56 35.41 27.06
CA ILE D 90 11.21 34.84 26.99
C ILE D 90 10.83 34.60 25.54
N THR D 91 10.93 35.63 24.70
CA THR D 91 10.53 35.50 23.31
C THR D 91 11.50 34.64 22.52
N ALA D 92 12.79 34.70 22.86
CA ALA D 92 13.77 33.87 22.16
C ALA D 92 13.50 32.39 22.37
N MET D 93 13.06 32.00 23.57
CA MET D 93 12.67 30.62 23.80
C MET D 93 11.32 30.33 23.16
N LYS D 94 10.37 31.27 23.26
CA LYS D 94 9.04 31.06 22.69
C LYS D 94 9.13 30.77 21.20
N TYR D 95 9.92 31.56 20.47
CA TYR D 95 10.05 31.40 19.03
C TYR D 95 11.30 30.62 18.65
N SER D 96 11.97 30.03 19.64
CA SER D 96 13.09 29.12 19.39
C SER D 96 14.10 29.73 18.42
N VAL D 97 14.63 30.89 18.83
CA VAL D 97 15.42 31.75 17.94
C VAL D 97 16.86 31.24 17.99
N VAL D 98 17.19 30.35 17.05
CA VAL D 98 18.53 29.77 17.01
C VAL D 98 19.63 30.83 17.03
N PRO D 99 19.60 31.86 16.19
CA PRO D 99 20.73 32.81 16.15
C PRO D 99 21.01 33.48 17.49
N VAL D 100 19.99 33.75 18.30
CA VAL D 100 20.24 34.34 19.62
C VAL D 100 21.08 33.40 20.46
N TYR D 101 20.72 32.12 20.47
CA TYR D 101 21.42 31.15 21.30
C TYR D 101 22.79 30.81 20.74
N GLN D 102 22.97 30.89 19.42
CA GLN D 102 24.30 30.77 18.85
C GLN D 102 25.21 31.87 19.40
N GLU D 103 24.70 33.09 19.55
CA GLU D 103 25.50 34.15 20.14
C GLU D 103 25.78 33.89 21.62
N PHE D 104 24.80 33.34 22.34
CA PHE D 104 25.04 32.91 23.72
C PHE D 104 26.22 31.94 23.77
N ALA D 105 26.18 30.89 22.96
CA ALA D 105 27.17 29.83 23.04
C ALA D 105 28.57 30.37 22.78
N ARG D 106 28.71 31.26 21.79
CA ARG D 106 30.02 31.83 21.49
C ARG D 106 30.58 32.59 22.68
N GLN D 107 29.71 33.33 23.39
CA GLN D 107 30.18 34.07 24.56
C GLN D 107 30.44 33.15 25.74
N ILE D 108 29.65 32.07 25.85
CA ILE D 108 29.92 31.07 26.88
C ILE D 108 31.28 30.44 26.65
N GLY D 109 31.54 30.00 25.42
CA GLY D 109 32.82 29.43 25.07
C GLY D 109 32.86 27.92 25.27
N GLU D 110 33.75 27.29 24.51
CA GLU D 110 33.90 25.83 24.54
C GLU D 110 34.15 25.34 25.96
N ALA D 111 35.14 25.92 26.63
CA ALA D 111 35.56 25.42 27.94
C ALA D 111 34.43 25.47 28.95
N ARG D 112 33.80 26.65 29.12
CA ARG D 112 32.75 26.76 30.13
C ARG D 112 31.52 25.94 29.76
N MET D 113 31.20 25.84 28.46
CA MET D 113 30.07 25.00 28.05
C MET D 113 30.33 23.55 28.41
N SER D 114 31.53 23.05 28.12
CA SER D 114 31.88 21.67 28.44
C SER D 114 31.79 21.42 29.94
N LYS D 115 32.40 22.29 30.73
CA LYS D 115 32.37 22.13 32.18
C LYS D 115 30.94 22.07 32.69
N MET D 116 30.08 22.96 32.19
CA MET D 116 28.74 23.07 32.73
C MET D 116 27.86 21.89 32.35
N LEU D 117 27.98 21.39 31.12
CA LEU D 117 27.18 20.24 30.73
C LEU D 117 27.60 18.98 31.49
N HIS D 118 28.90 18.84 31.76
CA HIS D 118 29.32 17.78 32.65
C HIS D 118 28.74 18.01 34.05
N ALA D 119 28.72 19.26 34.48
CA ALA D 119 28.13 19.56 35.78
C ALA D 119 26.64 19.22 35.82
N PHE D 120 25.95 19.38 34.69
CA PHE D 120 24.54 19.04 34.58
C PHE D 120 24.28 17.56 34.39
N ASP D 121 25.31 16.75 34.19
CA ASP D 121 25.14 15.33 33.86
C ASP D 121 24.25 15.19 32.62
N TYR D 122 24.46 16.07 31.65
CA TYR D 122 23.54 16.27 30.54
C TYR D 122 23.92 15.35 29.38
N GLY D 123 23.09 14.33 29.13
CA GLY D 123 23.30 13.46 27.99
C GLY D 123 24.68 12.85 28.00
N ASN D 124 25.28 12.74 26.81
CA ASN D 124 26.64 12.22 26.70
C ASN D 124 27.71 13.28 26.99
N GLU D 125 27.30 14.50 27.30
CA GLU D 125 28.22 15.55 27.74
C GLU D 125 29.27 15.91 26.68
N ASP D 126 28.99 15.61 25.41
CA ASP D 126 29.96 15.72 24.33
C ASP D 126 29.57 16.91 23.44
N ILE D 127 30.38 17.97 23.47
CA ILE D 127 30.10 19.18 22.70
C ILE D 127 30.92 19.23 21.42
N SER D 128 31.43 18.10 20.94
CA SER D 128 32.26 18.09 19.74
C SER D 128 31.54 18.80 18.60
N GLY D 129 32.29 19.65 17.89
CA GLY D 129 31.71 20.44 16.81
C GLY D 129 31.86 21.93 17.05
N ASN D 130 31.06 22.73 16.35
CA ASN D 130 31.08 24.17 16.52
C ASN D 130 30.43 24.53 17.85
N VAL D 131 31.08 25.44 18.60
CA VAL D 131 30.52 25.84 19.87
C VAL D 131 29.12 26.41 19.70
N ASP D 132 28.81 26.93 18.51
CA ASP D 132 27.52 27.56 18.24
C ASP D 132 26.59 26.71 17.38
N SER D 133 26.84 25.40 17.28
CA SER D 133 25.89 24.55 16.55
C SER D 133 25.93 23.08 16.95
N PHE D 134 26.69 22.73 18.00
CA PHE D 134 26.88 21.31 18.29
C PHE D 134 25.59 20.62 18.68
N TRP D 135 24.63 21.35 19.26
CA TRP D 135 23.35 20.75 19.62
C TRP D 135 22.45 20.54 18.41
N LEU D 136 22.85 21.04 17.24
CA LEU D 136 22.11 20.87 16.00
C LEU D 136 22.78 19.90 15.04
N ASP D 137 24.11 19.86 15.01
CA ASP D 137 24.81 18.97 14.09
C ASP D 137 26.17 18.52 14.64
N GLY D 138 26.38 18.63 15.94
CA GLY D 138 27.60 18.17 16.59
C GLY D 138 27.43 16.83 17.26
N GLY D 139 28.23 16.59 18.29
CA GLY D 139 28.32 15.30 18.93
C GLY D 139 27.47 15.10 20.17
N ILE D 140 26.72 16.09 20.61
CA ILE D 140 25.94 15.96 21.84
C ILE D 140 24.73 15.09 21.58
N ARG D 141 24.42 14.22 22.54
CA ARG D 141 23.32 13.28 22.43
C ARG D 141 22.63 13.14 23.78
N ILE D 142 21.31 12.97 23.75
CA ILE D 142 20.52 12.82 24.97
C ILE D 142 19.28 12.01 24.64
N SER D 143 18.89 11.13 25.57
CA SER D 143 17.67 10.35 25.46
C SER D 143 16.53 11.03 26.21
N ALA D 144 15.31 10.54 25.96
CA ALA D 144 14.14 11.08 26.63
C ALA D 144 14.21 10.91 28.14
N THR D 145 14.66 9.73 28.61
CA THR D 145 14.77 9.53 30.05
C THR D 145 15.83 10.43 30.66
N GLU D 146 16.89 10.72 29.92
CA GLU D 146 17.91 11.64 30.40
C GLU D 146 17.39 13.07 30.43
N GLN D 147 16.50 13.43 29.50
CA GLN D 147 15.84 14.74 29.56
C GLN D 147 15.03 14.87 30.84
N ILE D 148 14.22 13.86 31.14
CA ILE D 148 13.44 13.85 32.37
C ILE D 148 14.36 14.01 33.59
N SER D 149 15.42 13.21 33.65
CA SER D 149 16.34 13.30 34.79
C SER D 149 16.84 14.74 34.94
N PHE D 150 17.25 15.34 33.82
CA PHE D 150 17.73 16.71 33.84
C PHE D 150 16.63 17.67 34.27
N LEU D 151 15.43 17.51 33.72
CA LEU D 151 14.32 18.40 34.06
C LEU D 151 13.94 18.27 35.52
N ARG D 152 14.03 17.07 36.08
CA ARG D 152 13.69 16.90 37.50
C ARG D 152 14.63 17.72 38.38
N LYS D 153 15.91 17.75 38.03
CA LYS D 153 16.84 18.59 38.79
C LYS D 153 16.48 20.06 38.66
N LEU D 154 16.15 20.51 37.44
CA LEU D 154 15.77 21.90 37.23
C LEU D 154 14.54 22.25 38.06
N TYR D 155 13.51 21.41 38.00
CA TYR D 155 12.30 21.64 38.78
C TYR D 155 12.62 21.83 40.25
N HIS D 156 13.52 21.01 40.79
CA HIS D 156 13.85 21.06 42.20
C HIS D 156 14.99 22.02 42.51
N ASN D 157 15.40 22.84 41.53
CA ASN D 157 16.49 23.78 41.69
C ASN D 157 17.78 23.08 42.15
N LYS D 158 17.99 21.85 41.70
CA LYS D 158 19.16 21.07 42.09
C LYS D 158 20.31 21.12 41.10
N LEU D 159 20.14 21.74 39.95
CA LEU D 159 21.27 21.91 39.04
C LEU D 159 22.29 22.84 39.69
N HIS D 160 23.54 22.72 39.26
CA HIS D 160 24.62 23.48 39.87
C HIS D 160 24.83 24.83 39.17
N VAL D 161 23.72 25.57 39.15
CA VAL D 161 23.69 26.99 38.88
C VAL D 161 22.82 27.62 39.95
N SER D 162 22.75 28.95 39.98
CA SER D 162 22.03 29.62 41.04
C SER D 162 20.54 29.28 40.99
N GLU D 163 19.88 29.45 42.13
CA GLU D 163 18.42 29.33 42.15
C GLU D 163 17.79 30.33 41.20
N ARG D 164 18.31 31.56 41.18
CA ARG D 164 17.76 32.60 40.31
C ARG D 164 17.77 32.16 38.84
N SER D 165 18.91 31.68 38.36
CA SER D 165 19.00 31.26 36.96
C SER D 165 17.97 30.18 36.66
N GLN D 166 17.81 29.22 37.56
CA GLN D 166 16.83 28.15 37.34
C GLN D 166 15.41 28.68 37.37
N ARG D 167 15.09 29.60 38.29
CA ARG D 167 13.75 30.18 38.32
C ARG D 167 13.45 30.92 37.02
N ILE D 168 14.43 31.67 36.51
CA ILE D 168 14.22 32.44 35.28
C ILE D 168 13.98 31.51 34.10
N VAL D 169 14.76 30.44 33.98
CA VAL D 169 14.59 29.52 32.85
C VAL D 169 13.22 28.86 32.92
N LYS D 170 12.80 28.45 34.13
CA LYS D 170 11.49 27.83 34.25
C LYS D 170 10.38 28.80 33.89
N GLN D 171 10.58 30.08 34.16
CA GLN D 171 9.63 31.09 33.69
C GLN D 171 9.60 31.13 32.17
N ALA D 172 10.78 31.17 31.54
CA ALA D 172 10.85 31.19 30.09
C ALA D 172 10.30 29.93 29.44
N MET D 173 10.24 28.82 30.19
CA MET D 173 9.69 27.58 29.67
C MET D 173 8.16 27.58 29.69
N LEU D 174 7.53 28.56 30.31
CA LEU D 174 6.08 28.57 30.45
C LEU D 174 5.42 28.50 29.07
N THR D 175 4.59 27.48 28.88
CA THR D 175 3.94 27.20 27.61
C THR D 175 2.43 27.35 27.68
N GLU D 176 1.81 26.85 28.74
CA GLU D 176 0.35 26.87 28.86
C GLU D 176 0.00 26.86 30.33
N ALA D 177 -1.02 27.63 30.70
CA ALA D 177 -1.53 27.63 32.06
C ALA D 177 -3.02 27.91 32.03
N ASN D 178 -3.76 27.15 32.82
CA ASN D 178 -5.19 27.35 32.99
C ASN D 178 -5.58 26.86 34.37
N GLY D 179 -6.89 26.79 34.64
CA GLY D 179 -7.36 26.39 35.94
C GLY D 179 -7.02 24.96 36.30
N ASP D 180 -6.64 24.15 35.32
CA ASP D 180 -6.42 22.72 35.52
C ASP D 180 -4.96 22.31 35.56
N TYR D 181 -4.08 22.98 34.81
CA TYR D 181 -2.67 22.59 34.80
C TYR D 181 -1.81 23.72 34.26
N ILE D 182 -0.52 23.60 34.54
CA ILE D 182 0.51 24.46 33.96
C ILE D 182 1.49 23.54 33.25
N ILE D 183 1.86 23.89 32.02
CA ILE D 183 2.90 23.19 31.28
C ILE D 183 4.08 24.14 31.10
N ARG D 184 5.24 23.70 31.56
CA ARG D 184 6.52 24.31 31.21
C ARG D 184 7.28 23.30 30.38
N ALA D 185 7.71 23.70 29.19
CA ALA D 185 8.20 22.73 28.22
C ALA D 185 8.97 23.48 27.13
N LYS D 186 9.67 22.71 26.31
CA LYS D 186 10.39 23.24 25.16
C LYS D 186 10.33 22.24 24.02
N THR D 187 10.07 22.76 22.82
CA THR D 187 10.05 21.94 21.61
C THR D 187 11.44 21.81 21.03
N GLY D 188 11.61 20.80 20.19
CA GLY D 188 12.84 20.61 19.44
C GLY D 188 12.56 20.03 18.08
N TYR D 189 13.38 20.43 17.11
CA TYR D 189 13.24 19.98 15.73
C TYR D 189 14.64 19.80 15.16
N SER D 190 15.07 18.56 14.96
CA SER D 190 16.41 18.26 14.50
C SER D 190 16.37 17.80 13.05
N THR D 191 17.01 18.57 12.17
CA THR D 191 16.99 18.29 10.74
C THR D 191 18.37 18.19 10.11
N ARG D 192 19.43 18.68 10.76
CA ARG D 192 20.72 18.76 10.09
C ARG D 192 21.36 17.39 9.92
N ILE D 193 21.02 16.46 10.80
CA ILE D 193 21.59 15.11 10.80
C ILE D 193 20.45 14.11 10.94
N GLU D 194 20.48 13.05 10.13
CA GLU D 194 19.47 12.02 10.24
C GLU D 194 19.66 11.24 11.54
N PRO D 195 18.56 10.70 12.13
CA PRO D 195 17.18 10.85 11.66
C PRO D 195 16.56 12.19 12.05
N LYS D 196 15.70 12.73 11.19
CA LYS D 196 14.99 13.94 11.53
C LYS D 196 13.89 13.60 12.53
N ILE D 197 13.88 14.32 13.66
CA ILE D 197 12.97 14.02 14.76
C ILE D 197 12.46 15.32 15.35
N GLY D 198 11.32 15.22 16.04
CA GLY D 198 10.79 16.30 16.85
C GLY D 198 10.87 15.94 18.32
N TRP D 199 11.10 16.94 19.16
CA TRP D 199 11.10 16.81 20.61
C TRP D 199 9.96 17.61 21.23
N TRP D 200 9.51 17.16 22.40
CA TRP D 200 8.81 18.04 23.34
C TRP D 200 9.10 17.52 24.73
N VAL D 201 9.71 18.35 25.57
CA VAL D 201 10.11 17.95 26.90
C VAL D 201 9.68 19.04 27.88
N GLY D 202 9.31 18.60 29.08
CA GLY D 202 8.90 19.53 30.13
C GLY D 202 8.18 18.78 31.23
N TRP D 203 7.20 19.45 31.82
CA TRP D 203 6.40 18.81 32.87
C TRP D 203 5.05 19.49 32.96
N VAL D 204 4.12 18.76 33.57
CA VAL D 204 2.75 19.22 33.80
C VAL D 204 2.59 19.43 35.30
N GLU D 205 2.36 20.66 35.72
CA GLU D 205 2.14 20.96 37.12
C GLU D 205 0.66 20.83 37.44
N LEU D 206 0.35 20.03 38.44
CA LEU D 206 -1.00 19.90 38.97
C LEU D 206 -1.02 20.40 40.40
N ASP D 207 -2.23 20.47 40.96
CA ASP D 207 -2.39 20.95 42.33
C ASP D 207 -1.45 20.20 43.29
N ASP D 208 -1.45 18.87 43.21
CA ASP D 208 -0.75 18.05 44.20
C ASP D 208 0.21 17.05 43.57
N ASN D 209 0.61 17.24 42.32
CA ASN D 209 1.58 16.35 41.70
C ASN D 209 2.16 17.06 40.48
N VAL D 210 3.26 16.51 39.96
CA VAL D 210 3.85 16.99 38.71
C VAL D 210 4.24 15.77 37.88
N TRP D 211 3.85 15.81 36.61
CA TRP D 211 4.18 14.76 35.65
C TRP D 211 5.22 15.30 34.68
N PHE D 212 6.44 14.82 34.79
CA PHE D 212 7.46 15.16 33.81
C PHE D 212 7.23 14.32 32.56
N PHE D 213 7.52 14.93 31.40
CA PHE D 213 7.35 14.23 30.14
C PHE D 213 8.50 14.55 29.19
N ALA D 214 8.78 13.61 28.32
CA ALA D 214 9.76 13.78 27.25
C ALA D 214 9.33 12.89 26.11
N MET D 215 9.13 13.49 24.93
CA MET D 215 8.72 12.75 23.75
C MET D 215 9.61 13.13 22.59
N ASN D 216 9.87 12.15 21.73
CA ASN D 216 10.40 12.43 20.41
C ASN D 216 9.72 11.53 19.41
N MET D 217 9.80 11.95 18.14
CA MET D 217 9.11 11.24 17.07
C MET D 217 9.84 11.55 15.77
N ASP D 218 9.79 10.60 14.85
CA ASP D 218 10.35 10.86 13.53
C ASP D 218 9.57 11.99 12.86
N MET D 219 10.31 12.88 12.20
CA MET D 219 9.75 14.11 11.64
C MET D 219 10.37 14.33 10.26
N PRO D 220 9.99 13.51 9.29
CA PRO D 220 10.55 13.66 7.94
C PRO D 220 10.21 14.98 7.29
N THR D 221 9.04 15.54 7.58
CA THR D 221 8.63 16.83 7.04
C THR D 221 8.13 17.73 8.17
N SER D 222 8.13 19.03 7.89
CA SER D 222 7.65 20.01 8.85
C SER D 222 6.14 19.94 9.05
N ASP D 223 5.43 19.19 8.22
CA ASP D 223 3.98 19.12 8.32
C ASP D 223 3.54 18.62 9.69
N GLY D 224 4.27 17.70 10.28
CA GLY D 224 3.83 17.04 11.49
C GLY D 224 4.38 17.62 12.79
N LEU D 225 4.85 18.87 12.76
CA LEU D 225 5.43 19.45 13.97
C LEU D 225 4.39 19.56 15.08
N GLY D 226 3.15 19.87 14.73
CA GLY D 226 2.09 19.98 15.72
C GLY D 226 1.81 18.68 16.44
N LEU D 227 2.26 17.54 15.89
CA LEU D 227 2.03 16.26 16.54
C LEU D 227 2.85 16.08 17.80
N ARG D 228 3.96 16.81 17.93
CA ARG D 228 4.75 16.73 19.14
C ARG D 228 3.89 17.00 20.37
N GLN D 229 3.12 18.09 20.32
CA GLN D 229 2.26 18.44 21.44
C GLN D 229 0.96 17.63 21.42
N ALA D 230 0.40 17.39 20.23
CA ALA D 230 -0.90 16.74 20.13
C ALA D 230 -0.84 15.29 20.60
N ILE D 231 0.19 14.55 20.19
CA ILE D 231 0.31 13.17 20.64
C ILE D 231 0.55 13.11 22.13
N THR D 232 1.47 13.94 22.63
CA THR D 232 1.73 14.00 24.06
C THR D 232 0.44 14.24 24.84
N LYS D 233 -0.39 15.18 24.38
CA LYS D 233 -1.62 15.49 25.11
C LYS D 233 -2.64 14.36 25.02
N GLU D 234 -2.68 13.64 23.89
CA GLU D 234 -3.58 12.50 23.80
C GLU D 234 -3.21 11.46 24.85
N VAL D 235 -1.92 11.28 25.10
CA VAL D 235 -1.47 10.37 26.15
C VAL D 235 -1.89 10.89 27.52
N LEU D 236 -1.63 12.17 27.78
CA LEU D 236 -2.01 12.76 29.06
C LEU D 236 -3.51 12.62 29.29
N LYS D 237 -4.31 12.92 28.26
CA LYS D 237 -5.76 12.76 28.39
C LYS D 237 -6.12 11.30 28.64
N GLN D 238 -5.50 10.38 27.91
CA GLN D 238 -5.79 8.97 28.10
C GLN D 238 -5.49 8.54 29.53
N GLU D 239 -4.36 9.00 30.07
CA GLU D 239 -3.99 8.68 31.45
C GLU D 239 -4.71 9.55 32.47
N LYS D 240 -5.72 10.32 32.05
CA LYS D 240 -6.50 11.13 32.99
C LYS D 240 -5.60 12.03 33.84
N ILE D 241 -4.48 12.46 33.26
CA ILE D 241 -3.62 13.45 33.90
C ILE D 241 -4.13 14.86 33.62
N ILE D 242 -4.68 15.09 32.43
CA ILE D 242 -5.34 16.36 32.11
C ILE D 242 -6.71 16.02 31.54
N PRO D 243 -7.69 16.93 31.63
CA PRO D 243 -9.01 16.71 31.02
C PRO D 243 -8.95 16.61 29.50
CL CL E . 13.27 10.03 -33.26
C1 EDO F . -2.12 -7.71 -13.89
O1 EDO F . -3.20 -8.18 -13.08
C2 EDO F . -0.83 -7.72 -13.08
O2 EDO F . 0.25 -7.18 -13.87
H11 EDO F . -2.00 -8.36 -14.76
H12 EDO F . -2.33 -6.70 -14.23
HO1 EDO F . -4.02 -8.17 -13.61
H21 EDO F . -0.95 -7.12 -12.18
H22 EDO F . -0.59 -8.74 -12.77
HO2 EDO F . 1.07 -7.20 -13.36
N S1C G . 7.76 -18.11 -5.48
C S1C G . 8.68 -15.99 -6.15
O S1C G . 9.55 -17.31 -4.35
C1 S1C G . 8.72 -17.20 -5.24
C10 S1C G . 6.29 -25.18 -2.20
C11 S1C G . 5.56 -25.01 -1.04
C12 S1C G . 5.24 -23.74 -0.60
C13 S1C G . 5.65 -22.63 -1.33
C14 S1C G . 4.44 -23.56 0.65
C2 S1C G . 7.48 -19.30 -4.75
C3 S1C G . 7.82 -19.40 -3.41
C4 S1C G . 7.48 -20.53 -2.70
C5 S1C G . 6.81 -21.59 -3.29
C6 S1C G . 6.49 -21.49 -4.65
C7 S1C G . 6.81 -20.35 -5.37
C8 S1C G . 6.39 -22.78 -2.50
C9 S1C G . 6.70 -24.07 -2.93
O1 S1C G . 4.15 -22.44 1.07
O2 S1C G . 4.08 -24.67 1.24
H3 S1C G . 7.15 -17.96 -6.27
H1 S1C G . 8.46 -16.30 -7.17
H2 S1C G . 9.62 -15.44 -6.16
H S1C G . 7.91 -15.29 -5.85
H9 S1C G . 6.54 -26.18 -2.55
H10 S1C G . 5.25 -25.90 -0.49
H11 S1C G . 5.41 -21.63 -0.97
H4 S1C G . 8.34 -18.60 -2.90
H5 S1C G . 7.76 -20.60 -1.65
H6 S1C G . 5.98 -22.30 -5.15
H7 S1C G . 6.55 -20.33 -6.43
H8 S1C G . 7.28 -24.22 -3.85
CL CL H . -6.13 -39.00 6.26
C1 EDO I . 3.30 -31.30 -15.48
O1 EDO I . 3.17 -30.10 -16.25
C2 EDO I . 4.39 -31.12 -14.43
O2 EDO I . 5.46 -30.36 -14.99
H11 EDO I . 2.34 -31.53 -14.99
H12 EDO I . 3.54 -32.15 -16.13
HO1 EDO I . 2.48 -30.21 -16.92
H21 EDO I . 4.75 -32.11 -14.11
H22 EDO I . 3.97 -30.61 -13.56
HO2 EDO I . 6.15 -30.24 -14.32
N S1C J . -21.91 12.78 -15.59
C S1C J . -19.79 13.07 -16.70
O S1C J . -20.30 11.22 -15.26
C1 S1C J . -20.68 12.25 -15.82
C10 S1C J . -25.28 15.60 -9.33
C11 S1C J . -25.91 14.72 -8.46
C12 S1C J . -25.96 13.37 -8.75
C13 S1C J . -25.36 12.89 -9.92
C14 S1C J . -26.62 12.43 -7.82
C2 S1C J . -22.67 12.74 -14.40
C3 S1C J . -24.05 12.66 -14.34
C4 S1C J . -24.71 12.90 -13.15
C5 S1C J . -24.01 13.25 -12.00
C6 S1C J . -22.62 13.26 -12.07
C7 S1C J . -21.95 13.00 -13.25
C8 S1C J . -24.71 13.76 -10.80
C9 S1C J . -24.68 15.12 -10.49
O1 S1C J . -27.15 12.99 -6.76
O2 S1C J . -26.64 11.22 -8.02
H3 S1C J . -22.36 13.27 -16.37
H1 S1C J . -20.35 13.88 -17.17
H2 S1C J . -19.32 12.49 -17.50
H S1C J . -18.98 13.52 -16.14
H9 S1C J . -25.24 16.66 -9.10
H10 S1C J . -26.37 15.13 -7.56
H11 S1C J . -25.41 11.83 -10.15
H4 S1C J . -24.64 12.39 -15.21
H5 S1C J . -25.80 12.83 -13.12
H6 S1C J . -22.04 13.46 -11.16
H7 S1C J . -20.86 13.02 -13.22
H8 S1C J . -24.19 15.82 -11.16
N S1C K . 11.80 24.24 8.31
C S1C K . 10.69 23.53 6.30
O S1C K . 11.34 22.04 8.04
C1 S1C K . 11.33 23.19 7.61
C10 S1C K . 10.85 27.96 15.03
C11 S1C K . 10.04 27.30 15.93
C12 S1C K . 9.67 25.99 15.70
C13 S1C K . 10.10 25.35 14.55
C14 S1C K . 8.83 25.26 16.68
C2 S1C K . 11.72 24.48 9.70
C3 S1C K . 10.47 24.30 10.28
C4 S1C K . 10.23 24.75 11.56
C5 S1C K . 11.22 25.38 12.30
C6 S1C K . 12.48 25.48 11.74
C7 S1C K . 12.74 25.04 10.46
C8 S1C K . 10.90 26.02 13.61
C9 S1C K . 11.28 27.32 13.87
O1 S1C K . 8.47 25.95 17.72
O2 S1C K . 8.51 24.09 16.51
H3 S1C K . 12.28 24.97 7.78
H1 S1C K . 10.06 24.42 6.40
H2 S1C K . 10.06 22.74 5.90
H S1C K . 11.43 23.75 5.54
H9 S1C K . 11.14 29.00 15.22
H10 S1C K . 9.70 27.83 16.82
H11 S1C K . 9.82 24.31 14.37
H4 S1C K . 9.66 23.80 9.74
H5 S1C K . 9.24 24.60 11.99
H6 S1C K . 13.30 25.93 12.31
H7 S1C K . 13.75 25.15 10.07
H8 S1C K . 11.92 27.86 13.17
C1 EDO L . 7.29 28.34 25.15
O1 EDO L . 7.86 29.41 25.92
C2 EDO L . 8.11 27.07 25.40
O2 EDO L . 9.50 27.39 25.46
H11 EDO L . 6.25 28.17 25.44
H12 EDO L . 7.32 28.59 24.09
HO1 EDO L . 7.35 30.22 25.76
H21 EDO L . 7.79 26.62 26.33
H22 EDO L . 7.93 26.36 24.59
HO2 EDO L . 10.01 26.58 25.62
C1 EDO M . 18.66 37.52 16.56
O1 EDO M . 17.63 37.26 15.60
C2 EDO M . 19.98 37.82 15.88
O2 EDO M . 20.94 38.21 16.87
H11 EDO M . 18.78 36.64 17.21
H12 EDO M . 18.37 38.37 17.19
HO1 EDO M . 16.79 37.08 16.06
H21 EDO M . 20.33 36.94 15.34
H22 EDO M . 19.85 38.64 15.15
HO2 EDO M . 21.79 38.39 16.44
#